data_7WT4
#
_entry.id   7WT4
#
_cell.length_a   86.122
_cell.length_b   46.434
_cell.length_c   141.529
_cell.angle_alpha   90.0
_cell.angle_beta   103.97
_cell.angle_gamma   90.0
#
_symmetry.space_group_name_H-M   'P 1 21 1'
#
loop_
_entity.id
_entity.type
_entity.pdbx_description
1 polymer 'MHC class I antigen'
2 polymer Beta-2-microglobulin
3 polymer 'PB1 peptide'
4 non-polymer 1,2-ETHANEDIOL
5 non-polymer 'ZINC ION'
6 non-polymer 2-AMINO-2-HYDROXYMETHYL-PROPANE-1,3-DIOL
7 non-polymer 'ACETATE ION'
8 water water
#
loop_
_entity_poly.entity_id
_entity_poly.type
_entity_poly.pdbx_seq_one_letter_code
_entity_poly.pdbx_strand_id
1 'polypeptide(L)'
;AGSHSMRYFSTSVSRPGRGEPRFIAVGYVDDTQFVRFDSDAASQRMEPRAPWIEQEGPEYWDEETGKVKAHSQTDRENLR
IALRYYNQSEAGSHTLQMMFGCDVGSDGRFLRGYHQYAYDGKDYIALKEDLRSWTAADMAAQITKRKWEAAHVAEQQRAY
LEGTCVDGLRRYLENGKETLQRTDPPKTHMTHHPISDHEATLRCWALGFYPAEITLTWQRDGEDQTQDTELVETRPAGDG
TFQKWAAVVVPSGEEQRYTCHVQHEGLPKPLTLRWEP
;
A,D
2 'polypeptide(L)'
;AIQRTPKIQVYSRHPAENGKSNFLNCYVSGFHPSDIEVDLLKNGERIEKVEHSDLSFSKDWSFYLLYYTEFTPTEKDEYA
CRVNHVTLSQPKIVKWDRDM
;
B,E
3 'polypeptide(L)' RYGFVANF C,F
#
# COMPACT_ATOMS: atom_id res chain seq x y z
N ALA A 1 -5.21 8.18 -19.40
CA ALA A 1 -4.19 8.25 -20.46
C ALA A 1 -3.64 6.85 -20.77
N GLY A 2 -2.91 6.73 -21.88
CA GLY A 2 -2.39 5.46 -22.34
C GLY A 2 -1.34 4.87 -21.44
N SER A 3 -0.63 5.72 -20.70
CA SER A 3 0.31 5.23 -19.72
C SER A 3 0.46 6.26 -18.60
N HIS A 4 0.92 5.80 -17.46
CA HIS A 4 1.03 6.67 -16.30
C HIS A 4 2.33 6.43 -15.57
N SER A 5 2.74 7.44 -14.81
CA SER A 5 3.96 7.35 -14.04
C SER A 5 3.72 7.84 -12.61
N MET A 6 4.41 7.19 -11.68
CA MET A 6 4.59 7.77 -10.36
C MET A 6 6.09 8.00 -10.17
N ARG A 7 6.45 9.23 -9.81
CA ARG A 7 7.84 9.59 -9.60
C ARG A 7 8.01 10.36 -8.32
N TYR A 8 9.04 10.00 -7.55
CA TYR A 8 9.50 10.85 -6.45
C TYR A 8 10.84 11.45 -6.85
N PHE A 9 11.01 12.72 -6.51
CA PHE A 9 12.21 13.48 -6.79
C PHE A 9 12.76 14.06 -5.48
N SER A 10 14.02 13.84 -5.16
CA SER A 10 14.55 14.44 -3.93
C SER A 10 15.81 15.21 -4.21
N THR A 11 16.00 16.29 -3.46
CA THR A 11 17.17 17.14 -3.57
C THR A 11 17.74 17.36 -2.17
N SER A 12 19.01 17.01 -1.98
CA SER A 12 19.70 17.29 -0.73
C SER A 12 20.82 18.27 -1.05
N VAL A 13 20.93 19.34 -0.27
CA VAL A 13 21.97 20.35 -0.52
C VAL A 13 22.72 20.60 0.79
N SER A 14 24.03 20.37 0.84
CA SER A 14 24.73 20.60 2.10
C SER A 14 24.83 22.11 2.37
N ARG A 15 24.90 22.44 3.65
CA ARG A 15 24.95 23.82 4.11
CA ARG A 15 24.98 23.83 4.09
C ARG A 15 26.11 23.96 5.09
N PRO A 16 27.36 23.87 4.60
CA PRO A 16 28.54 23.88 5.49
C PRO A 16 28.51 25.05 6.48
N GLY A 17 28.71 24.76 7.76
CA GLY A 17 28.63 25.77 8.80
C GLY A 17 27.23 26.29 9.14
N ARG A 18 26.19 25.71 8.53
CA ARG A 18 24.82 26.18 8.76
C ARG A 18 23.89 25.05 9.14
N GLY A 19 24.44 23.97 9.67
CA GLY A 19 23.64 22.85 10.12
C GLY A 19 23.56 21.76 9.07
N GLU A 20 22.59 20.87 9.25
CA GLU A 20 22.42 19.70 8.37
C GLU A 20 21.93 20.10 6.98
N PRO A 21 22.17 19.24 5.97
CA PRO A 21 21.69 19.53 4.61
C PRO A 21 20.19 19.78 4.56
N ARG A 22 19.78 20.66 3.66
CA ARG A 22 18.36 20.84 3.32
C ARG A 22 17.92 19.68 2.46
N PHE A 23 16.78 19.05 2.80
CA PHE A 23 16.27 17.91 2.02
C PHE A 23 14.83 18.20 1.60
N ILE A 24 14.57 18.10 0.31
CA ILE A 24 13.24 18.33 -0.25
C ILE A 24 12.87 17.13 -1.10
N ALA A 25 11.71 16.55 -0.85
CA ALA A 25 11.22 15.49 -1.73
C ALA A 25 9.83 15.83 -2.22
N VAL A 26 9.54 15.52 -3.48
CA VAL A 26 8.22 15.73 -4.03
C VAL A 26 7.79 14.46 -4.77
N GLY A 27 6.51 14.15 -4.69
CA GLY A 27 5.94 13.03 -5.44
C GLY A 27 4.97 13.52 -6.49
N TYR A 28 5.00 12.84 -7.63
CA TYR A 28 4.17 13.17 -8.78
C TYR A 28 3.45 11.94 -9.30
N VAL A 29 2.19 12.10 -9.70
CA VAL A 29 1.57 11.14 -10.63
C VAL A 29 1.45 11.87 -11.96
N ASP A 30 2.12 11.37 -12.98
CA ASP A 30 2.22 12.06 -14.24
C ASP A 30 2.75 13.48 -13.99
N ASP A 31 2.03 14.49 -14.42
CA ASP A 31 2.44 15.86 -14.23
C ASP A 31 1.72 16.57 -13.07
N THR A 32 1.12 15.79 -12.20
CA THR A 32 0.39 16.30 -11.05
C THR A 32 1.14 15.99 -9.76
N GLN A 33 1.62 17.02 -9.08
CA GLN A 33 2.27 16.77 -7.80
C GLN A 33 1.24 16.38 -6.73
N PHE A 34 1.58 15.45 -5.84
CA PHE A 34 0.62 15.07 -4.81
C PHE A 34 1.16 15.06 -3.38
N VAL A 35 2.49 15.03 -3.19
CA VAL A 35 3.04 15.14 -1.82
C VAL A 35 4.33 15.94 -1.80
N ARG A 36 4.73 16.38 -0.60
CA ARG A 36 6.06 16.98 -0.43
C ARG A 36 6.54 16.69 0.97
N PHE A 37 7.86 16.71 1.13
CA PHE A 37 8.51 16.76 2.44
C PHE A 37 9.65 17.78 2.32
N ASP A 38 9.77 18.65 3.32
CA ASP A 38 10.84 19.65 3.33
C ASP A 38 11.43 19.70 4.73
N SER A 39 12.71 19.35 4.87
CA SER A 39 13.36 19.33 6.17
C SER A 39 13.34 20.70 6.88
N ASP A 40 13.17 21.79 6.12
CA ASP A 40 13.05 23.13 6.72
C ASP A 40 11.68 23.36 7.40
N ALA A 41 10.68 22.61 6.96
CA ALA A 41 9.31 22.86 7.45
C ALA A 41 9.13 22.38 8.89
N ALA A 42 8.27 23.06 9.65
CA ALA A 42 8.07 22.75 11.06
C ALA A 42 7.42 21.39 11.30
N SER A 43 6.56 20.95 10.39
CA SER A 43 5.74 19.76 10.67
C SER A 43 6.59 18.49 10.77
N GLN A 44 7.69 18.46 10.02
CA GLN A 44 8.51 17.24 9.86
C GLN A 44 7.65 16.05 9.44
N ARG A 45 6.72 16.31 8.52
CA ARG A 45 5.82 15.28 8.02
C ARG A 45 5.77 15.32 6.53
N MET A 46 5.45 14.18 5.92
CA MET A 46 4.98 14.21 4.53
C MET A 46 3.67 14.97 4.49
N GLU A 47 3.56 15.92 3.56
N GLU A 47 3.56 15.92 3.56
CA GLU A 47 2.36 16.74 3.45
CA GLU A 47 2.38 16.78 3.45
C GLU A 47 1.68 16.58 2.10
C GLU A 47 1.69 16.62 2.09
N PRO A 48 0.34 16.68 2.08
CA PRO A 48 -0.44 16.56 0.84
C PRO A 48 -0.32 17.78 -0.05
N ARG A 49 -0.34 17.58 -1.37
CA ARG A 49 -0.24 18.69 -2.30
C ARG A 49 -1.24 18.48 -3.44
N ALA A 50 -2.07 17.45 -3.31
CA ALA A 50 -3.22 17.29 -4.20
C ALA A 50 -4.45 16.89 -3.37
N PRO A 51 -5.66 17.36 -3.76
CA PRO A 51 -6.84 17.05 -2.95
C PRO A 51 -7.10 15.56 -2.75
N TRP A 52 -6.88 14.76 -3.80
CA TRP A 52 -7.25 13.35 -3.73
C TRP A 52 -6.36 12.52 -2.82
N ILE A 53 -5.17 12.99 -2.49
CA ILE A 53 -4.33 12.21 -1.60
C ILE A 53 -4.80 12.35 -0.14
N GLU A 54 -5.64 13.33 0.14
CA GLU A 54 -6.12 13.49 1.52
C GLU A 54 -7.16 12.42 1.87
N GLN A 55 -7.52 11.60 0.88
CA GLN A 55 -8.34 10.42 1.14
C GLN A 55 -7.59 9.38 1.97
N GLU A 56 -6.25 9.48 2.00
CA GLU A 56 -5.46 8.53 2.78
C GLU A 56 -5.57 8.82 4.27
N GLY A 57 -5.65 7.74 5.04
CA GLY A 57 -5.80 7.82 6.49
C GLY A 57 -4.49 8.00 7.22
N PRO A 58 -4.57 8.09 8.56
CA PRO A 58 -3.45 8.44 9.42
C PRO A 58 -2.30 7.47 9.31
N GLU A 59 -2.59 6.18 9.11
CA GLU A 59 -1.53 5.19 8.92
C GLU A 59 -0.64 5.53 7.74
N TYR A 60 -1.26 5.89 6.61
CA TYR A 60 -0.51 6.32 5.43
C TYR A 60 0.48 7.44 5.77
N TRP A 61 -0.03 8.47 6.45
CA TRP A 61 0.79 9.67 6.64
C TRP A 61 1.91 9.37 7.62
N ASP A 62 1.68 8.50 8.60
CA ASP A 62 2.74 8.08 9.50
C ASP A 62 3.79 7.27 8.73
N GLU A 63 3.35 6.31 7.92
CA GLU A 63 4.29 5.44 7.18
C GLU A 63 5.13 6.18 6.16
N GLU A 64 4.49 7.05 5.39
CA GLU A 64 5.16 7.82 4.36
C GLU A 64 6.13 8.80 5.01
N THR A 65 5.72 9.42 6.11
CA THR A 65 6.63 10.27 6.87
C THR A 65 7.89 9.51 7.32
N GLY A 66 7.73 8.31 7.87
CA GLY A 66 8.87 7.52 8.31
C GLY A 66 9.81 7.17 7.17
N LYS A 67 9.25 6.87 6.00
CA LYS A 67 10.06 6.49 4.85
CA LYS A 67 10.03 6.51 4.82
C LYS A 67 10.83 7.68 4.25
N VAL A 68 10.19 8.84 4.15
CA VAL A 68 10.89 9.94 3.51
C VAL A 68 11.93 10.51 4.48
N LYS A 69 11.66 10.37 5.79
CA LYS A 69 12.68 10.81 6.76
C LYS A 69 13.90 9.88 6.78
N ALA A 70 13.67 8.57 6.65
CA ALA A 70 14.80 7.64 6.52
C ALA A 70 15.66 7.98 5.29
N HIS A 71 14.99 8.35 4.20
CA HIS A 71 15.67 8.72 2.97
C HIS A 71 16.53 9.98 3.17
N SER A 72 15.97 10.99 3.84
CA SER A 72 16.69 12.24 4.09
C SER A 72 17.96 11.96 4.90
N GLN A 73 17.87 11.07 5.89
CA GLN A 73 19.00 10.75 6.74
CA GLN A 73 19.01 10.76 6.74
C GLN A 73 20.08 10.00 5.97
N THR A 74 19.66 9.02 5.16
CA THR A 74 20.62 8.27 4.35
C THR A 74 21.30 9.18 3.34
N ASP A 75 20.57 10.17 2.78
CA ASP A 75 21.19 11.04 1.79
C ASP A 75 22.13 12.05 2.45
N ARG A 76 21.89 12.44 3.70
CA ARG A 76 22.90 13.25 4.40
CA ARG A 76 22.88 13.23 4.44
C ARG A 76 24.17 12.42 4.56
N GLU A 77 24.02 11.14 4.90
CA GLU A 77 25.19 10.26 5.02
C GLU A 77 25.89 10.16 3.67
N ASN A 78 25.11 10.01 2.61
CA ASN A 78 25.65 9.85 1.29
C ASN A 78 26.39 11.08 0.80
N LEU A 79 25.90 12.28 1.13
CA LEU A 79 26.68 13.48 0.83
C LEU A 79 28.05 13.42 1.51
N ARG A 80 28.10 12.88 2.73
CA ARG A 80 29.37 12.83 3.44
C ARG A 80 30.28 11.78 2.80
N ILE A 81 29.71 10.64 2.39
CA ILE A 81 30.48 9.58 1.76
C ILE A 81 31.08 10.08 0.44
N ALA A 82 30.29 10.84 -0.32
CA ALA A 82 30.76 11.39 -1.59
C ALA A 82 31.97 12.30 -1.42
N LEU A 83 32.02 13.07 -0.33
CA LEU A 83 33.17 13.94 -0.06
C LEU A 83 34.44 13.11 0.05
N ARG A 84 34.34 11.98 0.73
N ARG A 84 34.34 11.97 0.71
CA ARG A 84 35.49 11.09 0.87
CA ARG A 84 35.51 11.09 0.88
C ARG A 84 35.86 10.51 -0.48
C ARG A 84 35.87 10.45 -0.45
N TYR A 85 34.87 10.01 -1.20
CA TYR A 85 35.12 9.36 -2.49
C TYR A 85 35.78 10.32 -3.48
N TYR A 86 35.38 11.59 -3.44
CA TYR A 86 35.88 12.58 -4.39
C TYR A 86 37.02 13.47 -3.83
N ASN A 87 37.42 13.21 -2.59
CA ASN A 87 38.44 14.01 -1.92
C ASN A 87 38.08 15.50 -1.98
N GLN A 88 36.84 15.80 -1.63
CA GLN A 88 36.35 17.18 -1.58
C GLN A 88 36.32 17.67 -0.14
N SER A 89 36.45 18.98 0.04
CA SER A 89 36.51 19.54 1.40
C SER A 89 35.14 19.64 2.03
N GLU A 90 35.11 19.86 3.34
CA GLU A 90 33.84 20.08 4.05
C GLU A 90 33.35 21.51 3.96
N ALA A 91 34.11 22.36 3.27
CA ALA A 91 33.78 23.77 3.13
C ALA A 91 32.80 24.06 1.99
N GLY A 92 32.84 23.22 0.95
CA GLY A 92 32.05 23.46 -0.24
C GLY A 92 30.63 22.92 -0.10
N SER A 93 29.69 23.57 -0.79
CA SER A 93 28.32 23.07 -0.82
C SER A 93 28.13 22.10 -1.99
N HIS A 94 27.38 21.02 -1.77
CA HIS A 94 27.15 20.03 -2.82
C HIS A 94 25.71 19.58 -2.85
N THR A 95 25.32 18.98 -3.99
CA THR A 95 23.94 18.58 -4.21
C THR A 95 23.86 17.10 -4.53
N LEU A 96 22.89 16.42 -3.93
CA LEU A 96 22.61 15.04 -4.26
C LEU A 96 21.13 14.90 -4.63
N GLN A 97 20.84 14.50 -5.86
CA GLN A 97 19.46 14.30 -6.32
C GLN A 97 19.18 12.81 -6.53
N MET A 98 17.97 12.38 -6.19
CA MET A 98 17.51 11.00 -6.42
C MET A 98 16.16 11.06 -7.14
N MET A 99 15.96 10.18 -8.11
CA MET A 99 14.63 10.01 -8.68
C MET A 99 14.32 8.52 -8.71
N PHE A 100 13.10 8.16 -8.29
CA PHE A 100 12.66 6.77 -8.43
C PHE A 100 11.17 6.72 -8.73
N GLY A 101 10.74 5.61 -9.29
CA GLY A 101 9.32 5.43 -9.53
C GLY A 101 9.09 4.50 -10.70
N CYS A 102 7.84 4.44 -11.15
CA CYS A 102 7.46 3.39 -12.08
C CYS A 102 6.50 3.94 -13.11
N ASP A 103 6.51 3.30 -14.28
CA ASP A 103 5.54 3.56 -15.36
C ASP A 103 4.64 2.34 -15.49
N VAL A 104 3.32 2.56 -15.59
CA VAL A 104 2.38 1.49 -15.91
C VAL A 104 1.53 1.87 -17.12
N GLY A 105 1.14 0.86 -17.90
CA GLY A 105 0.28 1.10 -19.04
C GLY A 105 -1.17 1.25 -18.62
N SER A 106 -2.04 1.64 -19.54
CA SER A 106 -3.47 1.77 -19.26
C SER A 106 -4.17 0.44 -18.93
N ASP A 107 -3.54 -0.67 -19.28
CA ASP A 107 -4.08 -1.98 -18.88
C ASP A 107 -3.73 -2.29 -17.42
N GLY A 108 -2.92 -1.44 -16.82
CA GLY A 108 -2.58 -1.58 -15.41
C GLY A 108 -1.29 -2.35 -15.16
N ARG A 109 -0.62 -2.77 -16.23
CA ARG A 109 0.61 -3.53 -16.07
C ARG A 109 1.87 -2.64 -15.96
N PHE A 110 2.85 -3.12 -15.20
CA PHE A 110 4.17 -2.50 -15.09
C PHE A 110 4.87 -2.36 -16.45
N LEU A 111 5.49 -1.20 -16.70
CA LEU A 111 6.22 -0.95 -17.94
C LEU A 111 7.72 -0.71 -17.74
N ARG A 112 8.06 0.12 -16.75
CA ARG A 112 9.45 0.48 -16.50
CA ARG A 112 9.43 0.59 -16.54
C ARG A 112 9.60 1.01 -15.08
N GLY A 113 10.80 0.84 -14.53
CA GLY A 113 11.10 1.28 -13.18
C GLY A 113 12.39 2.08 -13.18
N TYR A 114 12.53 2.99 -12.21
CA TYR A 114 13.70 3.87 -12.15
C TYR A 114 14.21 3.98 -10.73
N HIS A 115 15.52 4.07 -10.57
CA HIS A 115 16.14 4.33 -9.27
C HIS A 115 17.53 4.89 -9.56
N GLN A 116 17.69 6.21 -9.47
CA GLN A 116 18.93 6.81 -9.94
C GLN A 116 19.32 8.07 -9.19
N TYR A 117 20.64 8.26 -9.10
CA TYR A 117 21.24 9.35 -8.36
C TYR A 117 22.07 10.25 -9.29
N ALA A 118 22.06 11.56 -8.99
CA ALA A 118 23.05 12.49 -9.55
C ALA A 118 23.75 13.25 -8.41
N TYR A 119 25.05 13.47 -8.56
CA TYR A 119 25.82 14.24 -7.59
C TYR A 119 26.34 15.51 -8.26
N ASP A 120 26.05 16.67 -7.66
CA ASP A 120 26.40 17.96 -8.27
C ASP A 120 25.98 18.03 -9.75
N GLY A 121 24.79 17.52 -10.03
CA GLY A 121 24.20 17.60 -11.36
C GLY A 121 24.65 16.61 -12.40
N LYS A 122 25.53 15.67 -12.03
CA LYS A 122 26.05 14.68 -12.96
C LYS A 122 25.60 13.28 -12.56
N ASP A 123 25.22 12.47 -13.53
CA ASP A 123 24.83 11.08 -13.23
C ASP A 123 25.85 10.38 -12.34
N TYR A 124 25.34 9.67 -11.34
CA TYR A 124 26.21 8.96 -10.44
C TYR A 124 25.98 7.47 -10.59
N ILE A 125 24.78 7.01 -10.25
CA ILE A 125 24.47 5.59 -10.43
C ILE A 125 23.00 5.46 -10.79
N ALA A 126 22.67 4.54 -11.68
CA ALA A 126 21.29 4.36 -12.11
C ALA A 126 20.96 2.87 -12.30
N LEU A 127 19.77 2.48 -11.86
CA LEU A 127 19.30 1.13 -12.09
C LEU A 127 19.01 1.01 -13.58
N LYS A 128 19.49 -0.06 -14.23
CA LYS A 128 19.29 -0.24 -15.66
C LYS A 128 17.89 -0.71 -15.97
N GLU A 129 17.51 -0.68 -17.24
CA GLU A 129 16.13 -0.96 -17.60
C GLU A 129 15.66 -2.34 -17.18
N ASP A 130 16.53 -3.34 -17.19
CA ASP A 130 16.04 -4.67 -16.82
C ASP A 130 15.98 -4.87 -15.31
N LEU A 131 16.35 -3.84 -14.55
CA LEU A 131 16.21 -3.82 -13.09
C LEU A 131 17.11 -4.84 -12.36
N ARG A 132 18.17 -5.28 -13.03
CA ARG A 132 19.04 -6.28 -12.44
C ARG A 132 20.47 -5.77 -12.20
N SER A 133 20.85 -4.67 -12.81
CA SER A 133 22.21 -4.20 -12.68
C SER A 133 22.26 -2.68 -12.77
N TRP A 134 23.46 -2.13 -12.58
CA TRP A 134 23.66 -0.69 -12.39
C TRP A 134 24.57 -0.06 -13.42
N THR A 135 24.20 1.14 -13.84
CA THR A 135 25.10 2.01 -14.60
C THR A 135 25.79 2.94 -13.63
N ALA A 136 27.10 2.76 -13.44
CA ALA A 136 27.86 3.64 -12.56
C ALA A 136 28.80 4.48 -13.41
N ALA A 137 28.74 5.78 -13.20
CA ALA A 137 29.28 6.72 -14.17
C ALA A 137 30.78 6.95 -14.05
N ASP A 138 31.35 6.78 -12.86
CA ASP A 138 32.76 7.15 -12.65
C ASP A 138 33.42 6.26 -11.62
N MET A 139 34.64 6.60 -11.21
CA MET A 139 35.39 5.71 -10.30
C MET A 139 34.68 5.55 -8.94
N ALA A 140 34.25 6.67 -8.37
CA ALA A 140 33.55 6.67 -7.09
C ALA A 140 32.30 5.78 -7.15
N ALA A 141 31.51 5.93 -8.19
CA ALA A 141 30.26 5.19 -8.30
C ALA A 141 30.49 3.67 -8.41
N GLN A 142 31.67 3.25 -8.89
CA GLN A 142 31.97 1.81 -8.89
C GLN A 142 32.08 1.24 -7.48
N ILE A 143 32.51 2.04 -6.53
CA ILE A 143 32.60 1.61 -5.15
C ILE A 143 31.19 1.34 -4.59
N THR A 144 30.31 2.30 -4.83
CA THR A 144 28.92 2.13 -4.44
C THR A 144 28.29 0.92 -5.11
N LYS A 145 28.50 0.82 -6.42
CA LYS A 145 27.95 -0.27 -7.22
C LYS A 145 28.38 -1.63 -6.65
N ARG A 146 29.65 -1.76 -6.28
CA ARG A 146 30.14 -3.01 -5.70
C ARG A 146 29.39 -3.33 -4.39
N LYS A 147 29.19 -2.30 -3.57
CA LYS A 147 28.46 -2.45 -2.31
C LYS A 147 27.01 -2.85 -2.57
N TRP A 148 26.38 -2.20 -3.54
CA TRP A 148 24.98 -2.48 -3.87
C TRP A 148 24.79 -3.87 -4.50
N GLU A 149 25.78 -4.31 -5.26
CA GLU A 149 25.80 -5.68 -5.76
C GLU A 149 25.86 -6.67 -4.59
N ALA A 150 26.78 -6.46 -3.65
CA ALA A 150 26.92 -7.37 -2.51
C ALA A 150 25.65 -7.48 -1.68
N ALA A 151 24.93 -6.37 -1.56
CA ALA A 151 23.74 -6.31 -0.71
C ALA A 151 22.44 -6.59 -1.47
N HIS A 152 22.59 -6.86 -2.76
CA HIS A 152 21.48 -7.15 -3.65
C HIS A 152 20.45 -6.02 -3.71
N VAL A 153 20.94 -4.79 -3.84
CA VAL A 153 20.04 -3.63 -3.85
C VAL A 153 19.12 -3.67 -5.08
N ALA A 154 19.62 -4.16 -6.21
CA ALA A 154 18.79 -4.17 -7.42
C ALA A 154 17.54 -5.04 -7.21
N GLU A 155 17.70 -6.20 -6.57
CA GLU A 155 16.52 -7.02 -6.30
C GLU A 155 15.52 -6.36 -5.36
N GLN A 156 16.03 -5.72 -4.31
CA GLN A 156 15.18 -4.97 -3.38
C GLN A 156 14.37 -3.92 -4.12
N GLN A 157 15.04 -3.19 -5.02
CA GLN A 157 14.38 -2.11 -5.76
C GLN A 157 13.43 -2.69 -6.80
N ARG A 158 13.84 -3.77 -7.45
CA ARG A 158 12.93 -4.41 -8.41
C ARG A 158 11.59 -4.80 -7.73
N ALA A 159 11.69 -5.34 -6.52
CA ALA A 159 10.53 -5.77 -5.76
C ALA A 159 9.64 -4.59 -5.40
N TYR A 160 10.25 -3.49 -4.97
CA TYR A 160 9.51 -2.26 -4.69
C TYR A 160 8.83 -1.71 -5.95
N LEU A 161 9.58 -1.62 -7.04
CA LEU A 161 9.12 -1.00 -8.28
C LEU A 161 7.97 -1.75 -8.97
N GLU A 162 8.04 -3.08 -8.93
CA GLU A 162 7.02 -3.93 -9.56
C GLU A 162 5.85 -4.20 -8.62
N GLY A 163 6.04 -3.93 -7.33
CA GLY A 163 5.05 -4.23 -6.32
C GLY A 163 4.43 -2.94 -5.76
N THR A 164 4.95 -2.49 -4.62
CA THR A 164 4.46 -1.29 -3.93
C THR A 164 4.23 -0.08 -4.84
N CYS A 165 5.21 0.21 -5.71
CA CYS A 165 5.13 1.38 -6.58
C CYS A 165 3.93 1.29 -7.52
N VAL A 166 3.83 0.16 -8.22
CA VAL A 166 2.72 -0.09 -9.12
C VAL A 166 1.40 -0.06 -8.37
N ASP A 167 1.36 -0.70 -7.21
CA ASP A 167 0.11 -0.75 -6.43
C ASP A 167 -0.31 0.64 -5.97
N GLY A 168 0.67 1.44 -5.56
CA GLY A 168 0.43 2.82 -5.16
C GLY A 168 -0.10 3.68 -6.29
N LEU A 169 0.56 3.60 -7.45
CA LEU A 169 0.12 4.34 -8.63
C LEU A 169 -1.33 4.00 -9.02
N ARG A 170 -1.66 2.72 -9.00
CA ARG A 170 -3.01 2.26 -9.36
C ARG A 170 -4.04 2.84 -8.42
N ARG A 171 -3.73 2.84 -7.13
CA ARG A 171 -4.64 3.38 -6.14
C ARG A 171 -4.86 4.88 -6.33
N TYR A 172 -3.77 5.61 -6.54
CA TYR A 172 -3.88 7.03 -6.71
C TYR A 172 -4.72 7.34 -7.96
N LEU A 173 -4.51 6.58 -9.02
CA LEU A 173 -5.30 6.81 -10.24
C LEU A 173 -6.77 6.57 -9.96
N GLU A 174 -7.06 5.61 -9.09
CA GLU A 174 -8.43 5.33 -8.69
C GLU A 174 -9.01 6.52 -7.92
N ASN A 175 -8.31 6.94 -6.87
CA ASN A 175 -8.84 8.00 -6.02
C ASN A 175 -8.88 9.35 -6.72
N GLY A 176 -7.89 9.62 -7.56
CA GLY A 176 -7.83 10.89 -8.26
C GLY A 176 -8.39 10.82 -9.66
N LYS A 177 -9.26 9.85 -9.91
CA LYS A 177 -9.69 9.54 -11.29
C LYS A 177 -10.23 10.75 -12.07
N GLU A 178 -11.11 11.50 -11.44
CA GLU A 178 -11.79 12.62 -12.08
C GLU A 178 -10.83 13.65 -12.65
N THR A 179 -9.62 13.73 -12.11
CA THR A 179 -8.64 14.67 -12.63
C THR A 179 -7.40 13.99 -13.25
N LEU A 180 -6.95 12.87 -12.71
CA LEU A 180 -5.71 12.24 -13.17
C LEU A 180 -5.83 11.59 -14.56
N GLN A 181 -7.04 11.15 -14.89
CA GLN A 181 -7.25 10.40 -16.13
C GLN A 181 -7.58 11.30 -17.30
N ARG A 182 -7.70 12.60 -17.05
CA ARG A 182 -8.10 13.49 -18.11
C ARG A 182 -6.98 13.64 -19.16
N THR A 183 -7.38 13.69 -20.41
CA THR A 183 -6.48 14.07 -21.49
C THR A 183 -7.14 15.26 -22.15
N ASP A 184 -6.89 16.44 -21.59
CA ASP A 184 -7.46 17.69 -22.11
C ASP A 184 -6.61 18.22 -23.25
N PRO A 185 -7.18 18.26 -24.46
CA PRO A 185 -6.42 18.68 -25.64
C PRO A 185 -6.13 20.18 -25.63
N PRO A 186 -5.04 20.59 -26.28
CA PRO A 186 -4.77 22.03 -26.28
C PRO A 186 -5.80 22.80 -27.10
N LYS A 187 -6.15 23.99 -26.61
CA LYS A 187 -6.78 25.02 -27.41
C LYS A 187 -5.68 25.74 -28.17
N THR A 188 -5.83 25.83 -29.49
CA THR A 188 -4.76 26.36 -30.33
C THR A 188 -5.19 27.59 -31.12
N HIS A 189 -4.23 28.45 -31.42
CA HIS A 189 -4.46 29.57 -32.32
C HIS A 189 -3.10 30.09 -32.76
N MET A 190 -3.11 30.98 -33.73
CA MET A 190 -1.88 31.52 -34.28
C MET A 190 -1.94 33.05 -34.24
N THR A 191 -0.82 33.70 -33.94
CA THR A 191 -0.75 35.15 -34.00
C THR A 191 0.33 35.61 -34.99
N HIS A 192 0.23 36.86 -35.43
CA HIS A 192 1.12 37.40 -36.44
C HIS A 192 1.69 38.72 -35.98
N HIS A 193 3.01 38.86 -36.04
CA HIS A 193 3.71 40.02 -35.49
C HIS A 193 4.75 40.58 -36.45
N PRO A 194 4.42 41.64 -37.18
CA PRO A 194 5.38 42.28 -38.08
C PRO A 194 6.66 42.72 -37.35
N ILE A 195 7.81 42.37 -37.90
CA ILE A 195 9.09 42.77 -37.33
C ILE A 195 9.66 43.96 -38.11
N SER A 196 9.37 43.98 -39.41
CA SER A 196 9.84 45.02 -40.30
C SER A 196 9.10 44.86 -41.61
N ASP A 197 9.54 45.59 -42.63
CA ASP A 197 8.92 45.51 -43.93
C ASP A 197 9.30 44.21 -44.64
N HIS A 198 10.40 43.60 -44.20
CA HIS A 198 10.89 42.35 -44.81
C HIS A 198 10.42 41.07 -44.11
N GLU A 199 10.13 41.16 -42.81
CA GLU A 199 9.89 39.97 -41.97
C GLU A 199 8.73 40.15 -40.98
N ALA A 200 8.13 39.03 -40.58
CA ALA A 200 7.10 38.99 -39.53
C ALA A 200 7.22 37.70 -38.74
N THR A 201 6.72 37.70 -37.51
CA THR A 201 6.72 36.47 -36.69
C THR A 201 5.35 35.84 -36.70
N LEU A 202 5.33 34.53 -36.96
CA LEU A 202 4.15 33.70 -36.75
C LEU A 202 4.36 32.89 -35.49
N ARG A 203 3.40 32.93 -34.57
CA ARG A 203 3.52 32.20 -33.31
C ARG A 203 2.30 31.31 -33.11
N CYS A 204 2.59 30.02 -32.94
CA CYS A 204 1.57 29.00 -32.76
C CYS A 204 1.41 28.70 -31.31
N TRP A 205 0.18 28.80 -30.81
CA TRP A 205 -0.11 28.68 -29.38
C TRP A 205 -0.88 27.40 -29.04
N ALA A 206 -0.47 26.78 -27.93
CA ALA A 206 -1.18 25.64 -27.35
C ALA A 206 -1.48 25.96 -25.90
N LEU A 207 -2.77 25.98 -25.54
CA LEU A 207 -3.18 26.39 -24.20
C LEU A 207 -4.14 25.40 -23.57
N GLY A 208 -4.08 25.32 -22.24
CA GLY A 208 -5.05 24.58 -21.46
C GLY A 208 -5.03 23.07 -21.57
N PHE A 209 -3.88 22.51 -21.91
CA PHE A 209 -3.78 21.07 -22.11
C PHE A 209 -3.20 20.31 -20.90
N TYR A 210 -3.60 19.04 -20.81
CA TYR A 210 -3.08 18.10 -19.82
C TYR A 210 -3.18 16.69 -20.40
N PRO A 211 -2.15 15.84 -20.22
CA PRO A 211 -0.89 16.06 -19.48
C PRO A 211 0.08 16.95 -20.26
N ALA A 212 1.26 17.18 -19.72
CA ALA A 212 2.17 18.20 -20.26
C ALA A 212 2.79 17.80 -21.59
N GLU A 213 2.91 16.50 -21.81
CA GLU A 213 3.55 15.99 -23.03
C GLU A 213 2.88 16.52 -24.30
N ILE A 214 3.64 17.19 -25.16
CA ILE A 214 3.08 17.78 -26.39
C ILE A 214 4.16 17.94 -27.46
N THR A 215 3.75 17.91 -28.73
CA THR A 215 4.69 18.24 -29.80
C THR A 215 4.11 19.35 -30.66
N LEU A 216 4.84 20.46 -30.70
CA LEU A 216 4.48 21.68 -31.41
C LEU A 216 5.61 21.97 -32.39
N THR A 217 5.31 21.97 -33.69
CA THR A 217 6.38 22.16 -34.67
C THR A 217 5.94 23.02 -35.84
N TRP A 218 6.88 23.70 -36.47
CA TRP A 218 6.59 24.45 -37.69
C TRP A 218 7.13 23.70 -38.91
N GLN A 219 6.34 23.69 -39.97
CA GLN A 219 6.84 23.24 -41.26
C GLN A 219 6.78 24.39 -42.28
N ARG A 220 7.72 24.37 -43.23
CA ARG A 220 7.66 25.24 -44.40
C ARG A 220 7.70 24.35 -45.62
N ASP A 221 6.69 24.45 -46.48
CA ASP A 221 6.55 23.56 -47.63
C ASP A 221 6.64 22.09 -47.22
N GLY A 222 6.02 21.74 -46.11
CA GLY A 222 5.99 20.35 -45.63
C GLY A 222 7.30 19.84 -45.06
N GLU A 223 8.24 20.75 -44.79
CA GLU A 223 9.53 20.36 -44.25
C GLU A 223 9.73 20.95 -42.86
N ASP A 224 10.23 20.14 -41.94
CA ASP A 224 10.41 20.59 -40.57
C ASP A 224 11.40 21.74 -40.47
N GLN A 225 11.05 22.72 -39.64
CA GLN A 225 11.88 23.90 -39.45
C GLN A 225 12.61 23.79 -38.14
N THR A 226 13.29 22.66 -37.95
CA THR A 226 13.94 22.33 -36.69
C THR A 226 14.92 23.42 -36.25
N GLN A 227 15.77 23.87 -37.16
CA GLN A 227 16.84 24.78 -36.81
C GLN A 227 16.53 26.27 -37.00
N ASP A 228 15.26 26.62 -37.01
N ASP A 228 15.28 26.68 -36.96
CA ASP A 228 14.83 28.01 -37.20
CA ASP A 228 15.01 28.12 -36.87
C ASP A 228 13.62 28.35 -36.32
C ASP A 228 13.65 28.48 -36.26
N THR A 229 13.12 27.34 -35.60
N THR A 229 13.09 27.58 -35.47
CA THR A 229 11.97 27.53 -34.74
CA THR A 229 11.90 27.93 -34.72
C THR A 229 12.37 27.94 -33.32
C THR A 229 12.34 28.78 -33.52
N GLU A 230 11.85 29.08 -32.85
N GLU A 230 11.37 29.19 -32.69
CA GLU A 230 11.91 29.38 -31.41
CA GLU A 230 11.65 29.60 -31.32
C GLU A 230 10.79 28.64 -30.69
C GLU A 230 10.70 28.83 -30.43
N LEU A 231 11.18 27.80 -29.75
CA LEU A 231 10.30 26.89 -29.04
C LEU A 231 10.49 27.04 -27.54
N VAL A 232 9.51 27.59 -26.83
CA VAL A 232 9.66 27.76 -25.40
C VAL A 232 9.36 26.44 -24.68
N GLU A 233 9.92 26.30 -23.49
CA GLU A 233 9.65 25.11 -22.71
C GLU A 233 8.18 25.08 -22.32
N THR A 234 7.61 23.88 -22.31
CA THR A 234 6.26 23.70 -21.82
C THR A 234 6.17 24.23 -20.40
N ARG A 235 5.13 25.00 -20.12
CA ARG A 235 5.06 25.75 -18.87
C ARG A 235 3.70 25.58 -18.19
N PRO A 236 3.69 25.57 -16.86
CA PRO A 236 2.46 25.40 -16.10
C PRO A 236 1.62 26.68 -16.09
N ALA A 237 0.32 26.56 -16.28
CA ALA A 237 -0.55 27.73 -16.19
C ALA A 237 -0.84 28.07 -14.73
N GLY A 238 -0.72 27.07 -13.87
CA GLY A 238 -1.02 27.23 -12.45
C GLY A 238 -2.37 26.65 -12.03
N ASP A 239 -3.18 26.28 -13.00
CA ASP A 239 -4.52 25.77 -12.71
C ASP A 239 -4.66 24.29 -13.08
N GLY A 240 -3.54 23.60 -13.25
CA GLY A 240 -3.57 22.19 -13.59
C GLY A 240 -3.37 21.93 -15.08
N THR A 241 -3.23 22.99 -15.86
CA THR A 241 -3.02 22.87 -17.30
C THR A 241 -1.67 23.43 -17.71
N PHE A 242 -1.26 23.16 -18.95
CA PHE A 242 0.04 23.62 -19.44
C PHE A 242 -0.11 24.46 -20.69
N GLN A 243 0.96 25.17 -21.03
CA GLN A 243 1.00 26.08 -22.16
C GLN A 243 2.30 25.85 -22.92
N LYS A 244 2.28 26.15 -24.21
CA LYS A 244 3.50 26.18 -25.01
C LYS A 244 3.28 27.00 -26.26
N TRP A 245 4.33 27.61 -26.80
CA TRP A 245 4.21 28.18 -28.12
C TRP A 245 5.49 27.93 -28.96
N ALA A 246 5.33 27.98 -30.27
CA ALA A 246 6.42 27.88 -31.23
C ALA A 246 6.28 29.02 -32.22
N ALA A 247 7.40 29.65 -32.58
CA ALA A 247 7.36 30.79 -33.47
C ALA A 247 8.42 30.68 -34.57
N VAL A 248 8.07 31.15 -35.76
CA VAL A 248 9.04 31.26 -36.84
C VAL A 248 9.02 32.68 -37.40
N VAL A 249 10.19 33.11 -37.87
CA VAL A 249 10.34 34.37 -38.58
C VAL A 249 10.15 34.09 -40.06
N VAL A 250 9.20 34.75 -40.67
CA VAL A 250 8.87 34.45 -42.06
C VAL A 250 9.06 35.69 -42.91
N PRO A 251 9.56 35.52 -44.14
CA PRO A 251 9.62 36.64 -45.08
C PRO A 251 8.22 37.15 -45.42
N SER A 252 8.08 38.46 -45.62
CA SER A 252 6.80 39.07 -45.95
C SER A 252 6.15 38.43 -47.16
N GLY A 253 4.85 38.13 -47.05
CA GLY A 253 4.09 37.52 -48.12
C GLY A 253 4.23 36.00 -48.22
N GLU A 254 5.09 35.41 -47.39
CA GLU A 254 5.34 33.97 -47.45
C GLU A 254 4.62 33.15 -46.36
N GLU A 255 3.68 33.78 -45.66
CA GLU A 255 2.97 33.13 -44.56
C GLU A 255 2.30 31.81 -44.92
N GLN A 256 1.85 31.66 -46.17
CA GLN A 256 1.09 30.46 -46.54
C GLN A 256 1.97 29.25 -46.82
N ARG A 257 3.28 29.46 -46.82
CA ARG A 257 4.21 28.34 -46.90
C ARG A 257 4.24 27.57 -45.58
N TYR A 258 3.89 28.26 -44.51
CA TYR A 258 4.11 27.76 -43.16
C TYR A 258 2.87 27.10 -42.54
N THR A 259 3.12 25.97 -41.88
CA THR A 259 2.07 25.29 -41.12
C THR A 259 2.57 24.92 -39.74
N CYS A 260 1.66 24.99 -38.78
CA CYS A 260 1.96 24.59 -37.42
C CYS A 260 1.30 23.27 -37.14
N HIS A 261 2.02 22.39 -36.47
CA HIS A 261 1.56 21.01 -36.24
C HIS A 261 1.51 20.70 -34.77
N VAL A 262 0.37 20.20 -34.31
CA VAL A 262 0.15 19.95 -32.89
C VAL A 262 -0.23 18.50 -32.65
N GLN A 263 0.60 17.82 -31.87
CA GLN A 263 0.29 16.47 -31.42
C GLN A 263 0.11 16.47 -29.91
N HIS A 264 -0.98 15.88 -29.45
CA HIS A 264 -1.25 15.74 -28.02
C HIS A 264 -2.20 14.56 -27.83
N GLU A 265 -2.10 13.89 -26.69
CA GLU A 265 -2.88 12.68 -26.46
C GLU A 265 -4.40 12.94 -26.42
N GLY A 266 -4.79 14.17 -26.10
CA GLY A 266 -6.19 14.52 -26.03
C GLY A 266 -6.82 14.86 -27.37
N LEU A 267 -6.00 14.97 -28.40
CA LEU A 267 -6.47 15.28 -29.74
C LEU A 267 -6.95 14.02 -30.48
N PRO A 268 -8.18 14.06 -31.00
CA PRO A 268 -8.69 12.98 -31.86
C PRO A 268 -7.70 12.68 -32.99
N LYS A 269 -7.18 13.73 -33.63
CA LYS A 269 -6.15 13.61 -34.66
C LYS A 269 -5.19 14.82 -34.58
N PRO A 270 -3.93 14.62 -34.99
CA PRO A 270 -2.98 15.75 -34.98
C PRO A 270 -3.55 16.95 -35.73
N LEU A 271 -3.22 18.16 -35.26
CA LEU A 271 -3.70 19.35 -35.91
C LEU A 271 -2.68 19.92 -36.89
N THR A 272 -3.19 20.59 -37.92
CA THR A 272 -2.37 21.41 -38.80
C THR A 272 -3.01 22.79 -38.89
N LEU A 273 -2.29 23.82 -38.50
CA LEU A 273 -2.81 25.19 -38.51
C LEU A 273 -2.13 26.04 -39.58
N ARG A 274 -2.91 26.89 -40.24
CA ARG A 274 -2.38 27.82 -41.24
CA ARG A 274 -2.37 27.81 -41.23
C ARG A 274 -2.78 29.24 -40.89
N TRP A 275 -1.95 30.22 -41.23
CA TRP A 275 -2.31 31.60 -40.95
C TRP A 275 -3.56 31.98 -41.74
N GLU A 276 -4.58 32.43 -41.02
CA GLU A 276 -5.84 32.85 -41.62
C GLU A 276 -6.22 34.24 -41.12
N PRO A 277 -5.73 35.27 -41.82
CA PRO A 277 -6.03 36.67 -41.48
C PRO A 277 -7.52 37.00 -41.62
N ALA B 1 31.38 20.45 -10.40
CA ALA B 1 29.96 20.76 -10.58
C ALA B 1 29.74 21.53 -11.88
N ILE B 2 28.80 21.06 -12.70
CA ILE B 2 28.43 21.77 -13.93
C ILE B 2 27.19 22.62 -13.69
N GLN B 3 27.28 23.91 -14.05
CA GLN B 3 26.22 24.87 -13.77
C GLN B 3 25.40 25.20 -15.01
N ARG B 4 24.13 25.54 -14.79
CA ARG B 4 23.22 25.85 -15.88
C ARG B 4 22.39 27.07 -15.50
N THR B 5 22.28 28.02 -16.43
CA THR B 5 21.60 29.30 -16.19
C THR B 5 20.09 29.17 -16.33
N PRO B 6 19.34 29.84 -15.44
CA PRO B 6 17.89 29.69 -15.54
C PRO B 6 17.29 30.24 -16.82
N LYS B 7 16.32 29.51 -17.36
CA LYS B 7 15.45 30.02 -18.40
C LYS B 7 14.27 30.64 -17.68
N ILE B 8 13.78 31.75 -18.21
CA ILE B 8 12.76 32.54 -17.54
C ILE B 8 11.64 32.86 -18.49
N GLN B 9 10.41 32.51 -18.09
CA GLN B 9 9.22 32.98 -18.81
C GLN B 9 8.30 33.71 -17.86
N VAL B 10 7.79 34.85 -18.31
CA VAL B 10 6.83 35.63 -17.54
C VAL B 10 5.56 35.74 -18.37
N TYR B 11 4.44 35.35 -17.78
CA TYR B 11 3.23 35.18 -18.55
C TYR B 11 2.02 35.13 -17.63
N SER B 12 0.85 35.41 -18.20
CA SER B 12 -0.37 35.35 -17.43
C SER B 12 -1.01 33.98 -17.62
N ARG B 13 -1.80 33.57 -16.63
CA ARG B 13 -2.50 32.30 -16.70
C ARG B 13 -3.54 32.32 -17.83
N HIS B 14 -4.31 33.41 -17.89
CA HIS B 14 -5.33 33.61 -18.90
C HIS B 14 -4.94 34.77 -19.79
N PRO B 15 -5.52 34.85 -21.00
CA PRO B 15 -5.21 36.00 -21.86
C PRO B 15 -5.57 37.29 -21.14
N ALA B 16 -4.64 38.23 -21.14
CA ALA B 16 -4.79 39.45 -20.37
C ALA B 16 -5.95 40.27 -20.89
N GLU B 17 -6.83 40.66 -19.97
CA GLU B 17 -7.93 41.55 -20.27
C GLU B 17 -7.91 42.65 -19.20
N ASN B 18 -7.59 43.87 -19.61
CA ASN B 18 -7.43 44.97 -18.66
C ASN B 18 -8.64 45.12 -17.74
N GLY B 19 -8.39 45.13 -16.44
CA GLY B 19 -9.44 45.26 -15.44
C GLY B 19 -10.01 43.95 -14.92
N LYS B 20 -9.59 42.83 -15.50
CA LYS B 20 -10.10 41.53 -15.07
C LYS B 20 -9.01 40.76 -14.33
N SER B 21 -9.36 40.18 -13.18
CA SER B 21 -8.34 39.54 -12.35
C SER B 21 -7.83 38.26 -13.01
N ASN B 22 -6.59 37.93 -12.71
CA ASN B 22 -5.83 36.97 -13.47
C ASN B 22 -4.70 36.46 -12.57
N PHE B 23 -3.77 35.69 -13.12
CA PHE B 23 -2.60 35.30 -12.37
C PHE B 23 -1.34 35.60 -13.17
N LEU B 24 -0.34 36.15 -12.49
CA LEU B 24 0.93 36.45 -13.10
C LEU B 24 1.96 35.38 -12.73
N ASN B 25 2.57 34.77 -13.74
CA ASN B 25 3.48 33.63 -13.54
C ASN B 25 4.89 33.96 -13.95
N CYS B 26 5.84 33.53 -13.14
CA CYS B 26 7.22 33.54 -13.58
C CYS B 26 7.72 32.12 -13.45
N TYR B 27 7.97 31.47 -14.58
CA TYR B 27 8.45 30.09 -14.59
C TYR B 27 9.95 30.09 -14.85
N VAL B 28 10.72 29.56 -13.89
CA VAL B 28 12.17 29.48 -14.06
C VAL B 28 12.58 28.03 -14.12
N SER B 29 13.35 27.68 -15.14
CA SER B 29 13.69 26.27 -15.38
C SER B 29 15.08 26.11 -15.95
N GLY B 30 15.54 24.86 -15.97
CA GLY B 30 16.80 24.53 -16.55
C GLY B 30 18.01 25.04 -15.78
N PHE B 31 17.87 25.33 -14.50
CA PHE B 31 19.01 25.82 -13.74
C PHE B 31 19.62 24.79 -12.77
N HIS B 32 20.88 25.02 -12.42
CA HIS B 32 21.64 24.18 -11.51
C HIS B 32 22.84 25.03 -11.10
N PRO B 33 23.17 25.10 -9.80
CA PRO B 33 22.51 24.44 -8.67
C PRO B 33 21.18 25.12 -8.31
N SER B 34 20.58 24.67 -7.21
CA SER B 34 19.19 25.02 -6.93
C SER B 34 18.95 26.36 -6.22
N ASP B 35 19.95 26.92 -5.53
CA ASP B 35 19.75 28.23 -4.89
C ASP B 35 19.43 29.28 -5.94
N ILE B 36 18.38 30.05 -5.70
CA ILE B 36 17.93 31.05 -6.65
C ILE B 36 17.01 32.05 -5.94
N GLU B 37 17.04 33.30 -6.38
CA GLU B 37 16.14 34.32 -5.84
C GLU B 37 15.23 34.82 -6.95
N VAL B 38 13.94 34.89 -6.66
CA VAL B 38 12.98 35.27 -7.69
C VAL B 38 11.98 36.28 -7.15
N ASP B 39 11.89 37.41 -7.82
CA ASP B 39 10.90 38.42 -7.46
C ASP B 39 10.01 38.75 -8.63
N LEU B 40 8.71 38.90 -8.36
CA LEU B 40 7.80 39.51 -9.31
C LEU B 40 7.75 41.00 -8.99
N LEU B 41 7.75 41.82 -10.04
CA LEU B 41 7.75 43.27 -9.89
C LEU B 41 6.52 43.91 -10.52
N LYS B 42 6.00 44.92 -9.84
CA LYS B 42 4.98 45.79 -10.41
C LYS B 42 5.56 47.20 -10.50
N ASN B 43 5.69 47.70 -11.72
CA ASN B 43 6.37 48.97 -11.97
C ASN B 43 7.67 49.09 -11.19
N GLY B 44 8.50 48.06 -11.25
CA GLY B 44 9.83 48.10 -10.66
C GLY B 44 9.91 47.72 -9.20
N GLU B 45 8.76 47.58 -8.55
CA GLU B 45 8.71 47.27 -7.12
C GLU B 45 8.24 45.85 -6.81
N ARG B 46 8.81 45.25 -5.76
CA ARG B 46 8.51 43.88 -5.35
C ARG B 46 7.06 43.66 -4.91
N ILE B 47 6.39 42.73 -5.57
CA ILE B 47 5.06 42.29 -5.15
C ILE B 47 5.20 41.42 -3.90
N GLU B 48 4.33 41.62 -2.92
CA GLU B 48 4.45 40.98 -1.63
C GLU B 48 3.91 39.55 -1.54
N LYS B 49 2.66 39.35 -1.93
CA LYS B 49 2.03 38.04 -1.79
C LYS B 49 2.34 37.16 -2.99
N VAL B 50 3.54 36.57 -2.98
CA VAL B 50 3.99 35.75 -4.10
C VAL B 50 4.27 34.33 -3.63
N GLU B 51 3.58 33.35 -4.21
CA GLU B 51 3.78 31.96 -3.84
C GLU B 51 4.67 31.24 -4.87
N HIS B 52 5.17 30.07 -4.51
CA HIS B 52 5.92 29.31 -5.48
C HIS B 52 5.77 27.81 -5.25
N SER B 53 5.95 27.05 -6.33
CA SER B 53 5.83 25.60 -6.32
C SER B 53 7.00 24.97 -5.57
N ASP B 54 6.84 23.71 -5.18
CA ASP B 54 7.88 22.97 -4.49
C ASP B 54 9.00 22.61 -5.48
N LEU B 55 10.24 22.73 -5.04
CA LEU B 55 11.43 22.43 -5.86
C LEU B 55 11.37 21.04 -6.49
N SER B 56 11.43 21.01 -7.83
CA SER B 56 11.42 19.78 -8.59
CA SER B 56 11.55 19.71 -8.49
C SER B 56 12.54 19.86 -9.63
N PHE B 57 12.73 18.79 -10.38
CA PHE B 57 13.72 18.84 -11.46
C PHE B 57 13.35 17.92 -12.63
N SER B 58 13.96 18.19 -13.78
CA SER B 58 13.63 17.51 -15.02
C SER B 58 14.55 16.33 -15.29
N LYS B 59 14.37 15.70 -16.45
CA LYS B 59 15.14 14.51 -16.79
CA LYS B 59 15.14 14.52 -16.83
C LYS B 59 16.66 14.75 -16.81
N ASP B 60 17.09 15.96 -17.16
CA ASP B 60 18.54 16.26 -17.16
C ASP B 60 19.05 16.73 -15.80
N TRP B 61 18.22 16.54 -14.77
CA TRP B 61 18.53 16.93 -13.38
C TRP B 61 18.46 18.46 -13.11
N SER B 62 18.17 19.27 -14.12
CA SER B 62 18.06 20.71 -13.85
C SER B 62 16.72 21.04 -13.16
N PHE B 63 16.72 22.08 -12.33
CA PHE B 63 15.57 22.43 -11.49
C PHE B 63 14.59 23.33 -12.19
N TYR B 64 13.33 23.29 -11.75
CA TYR B 64 12.35 24.27 -12.19
C TYR B 64 11.43 24.66 -11.04
N LEU B 65 11.00 25.93 -11.08
CA LEU B 65 10.09 26.50 -10.10
C LEU B 65 9.07 27.41 -10.79
N LEU B 66 7.84 27.40 -10.29
CA LEU B 66 6.83 28.37 -10.70
C LEU B 66 6.57 29.39 -9.59
N TYR B 67 6.78 30.68 -9.88
CA TYR B 67 6.38 31.73 -8.96
C TYR B 67 5.10 32.39 -9.46
N TYR B 68 4.19 32.78 -8.57
CA TYR B 68 2.91 33.28 -9.02
C TYR B 68 2.20 34.15 -8.00
N THR B 69 1.36 35.03 -8.54
CA THR B 69 0.51 35.88 -7.73
C THR B 69 -0.75 36.24 -8.52
N GLU B 70 -1.86 36.41 -7.79
CA GLU B 70 -3.06 36.95 -8.40
C GLU B 70 -2.81 38.41 -8.77
N PHE B 71 -3.39 38.88 -9.87
CA PHE B 71 -3.29 40.29 -10.22
C PHE B 71 -4.33 40.71 -11.25
N THR B 72 -4.53 42.03 -11.35
CA THR B 72 -5.45 42.57 -12.32
C THR B 72 -4.69 43.49 -13.25
N PRO B 73 -4.38 43.02 -14.48
CA PRO B 73 -3.59 43.85 -15.38
C PRO B 73 -4.35 45.08 -15.82
N THR B 74 -3.63 46.13 -16.18
CA THR B 74 -4.22 47.33 -16.74
C THR B 74 -3.40 47.74 -17.95
N GLU B 75 -3.82 48.82 -18.60
CA GLU B 75 -3.14 49.33 -19.75
C GLU B 75 -1.74 49.82 -19.40
N LYS B 76 -1.63 50.45 -18.23
CA LYS B 76 -0.44 51.20 -17.85
C LYS B 76 0.61 50.36 -17.11
N ASP B 77 0.16 49.56 -16.16
CA ASP B 77 1.06 48.85 -15.25
C ASP B 77 2.03 47.91 -15.98
N GLU B 78 3.30 48.00 -15.57
CA GLU B 78 4.34 47.14 -16.11
C GLU B 78 4.74 46.09 -15.09
N TYR B 79 4.79 44.84 -15.54
CA TYR B 79 5.14 43.73 -14.67
C TYR B 79 6.42 43.05 -15.16
N ALA B 80 7.19 42.50 -14.23
CA ALA B 80 8.43 41.83 -14.59
C ALA B 80 8.80 40.78 -13.57
N CYS B 81 9.80 39.98 -13.94
CA CYS B 81 10.33 38.97 -13.04
C CYS B 81 11.82 39.18 -12.93
N ARG B 82 12.31 39.26 -11.69
CA ARG B 82 13.72 39.46 -11.47
C ARG B 82 14.31 38.21 -10.81
N VAL B 83 15.37 37.69 -11.43
CA VAL B 83 15.94 36.41 -11.05
C VAL B 83 17.42 36.55 -10.78
N ASN B 84 17.87 36.00 -9.65
CA ASN B 84 19.30 35.97 -9.39
C ASN B 84 19.76 34.54 -9.16
N HIS B 85 20.89 34.19 -9.76
CA HIS B 85 21.41 32.84 -9.71
C HIS B 85 22.94 32.94 -9.82
N VAL B 86 23.67 31.95 -9.33
CA VAL B 86 25.13 31.99 -9.30
C VAL B 86 25.72 32.14 -10.71
N THR B 87 24.95 31.74 -11.72
CA THR B 87 25.42 31.84 -13.10
C THR B 87 25.29 33.26 -13.67
N LEU B 88 24.71 34.18 -12.91
CA LEU B 88 24.45 35.51 -13.43
C LEU B 88 25.36 36.59 -12.84
N SER B 89 26.01 37.37 -13.72
CA SER B 89 26.80 38.53 -13.29
C SER B 89 25.99 39.50 -12.46
N GLN B 90 24.74 39.71 -12.88
CA GLN B 90 23.81 40.60 -12.19
C GLN B 90 22.42 40.01 -12.33
N PRO B 91 21.47 40.46 -11.50
CA PRO B 91 20.12 39.91 -11.65
C PRO B 91 19.57 40.16 -13.04
N LYS B 92 18.81 39.19 -13.56
CA LYS B 92 18.19 39.31 -14.87
C LYS B 92 16.74 39.72 -14.68
N ILE B 93 16.34 40.78 -15.37
CA ILE B 93 14.96 41.24 -15.32
C ILE B 93 14.26 40.95 -16.63
N VAL B 94 13.21 40.13 -16.57
CA VAL B 94 12.46 39.79 -17.77
C VAL B 94 11.08 40.42 -17.70
N LYS B 95 10.79 41.29 -18.66
CA LYS B 95 9.51 42.01 -18.69
C LYS B 95 8.35 41.17 -19.19
N TRP B 96 7.20 41.28 -18.54
CA TRP B 96 5.97 40.65 -19.02
C TRP B 96 5.50 41.26 -20.33
N ASP B 97 5.40 40.42 -21.35
CA ASP B 97 4.81 40.81 -22.63
C ASP B 97 3.54 39.98 -22.78
N ARG B 98 2.40 40.65 -22.93
CA ARG B 98 1.13 39.93 -22.86
C ARG B 98 0.91 39.01 -24.07
N ASP B 99 1.81 39.09 -25.06
CA ASP B 99 1.73 38.25 -26.25
C ASP B 99 2.81 37.15 -26.27
N MET B 100 3.33 36.79 -25.10
CA MET B 100 4.35 35.75 -25.02
C MET B 100 4.15 34.78 -23.84
N ARG C 1 3.33 5.81 -2.88
CA ARG C 1 4.01 5.05 -1.87
C ARG C 1 5.53 5.11 -1.97
N TYR C 2 6.14 5.70 -0.98
CA TYR C 2 7.54 5.95 -0.97
C TYR C 2 8.41 4.69 -0.92
N GLY C 3 9.58 4.74 -1.56
CA GLY C 3 10.53 3.64 -1.51
C GLY C 3 11.62 3.85 -0.45
N PHE C 4 12.87 3.54 -0.82
CA PHE C 4 13.96 3.60 0.13
C PHE C 4 15.27 3.65 -0.66
N VAL C 5 16.34 4.07 -0.01
CA VAL C 5 17.66 4.16 -0.65
C VAL C 5 18.71 3.51 0.24
N ALA C 6 19.90 3.29 -0.33
CA ALA C 6 21.01 2.67 0.38
C ALA C 6 22.21 3.65 0.48
N ASN C 7 23.16 3.33 1.36
CA ASN C 7 24.36 4.17 1.45
C ASN C 7 25.25 4.00 0.23
N PHE C 8 25.91 5.10 -0.15
CA PHE C 8 26.98 5.08 -1.15
C PHE C 8 28.17 4.25 -0.66
N ALA D 1 -16.67 -3.09 15.56
CA ALA D 1 -15.31 -3.07 15.01
C ALA D 1 -15.31 -2.76 13.52
N GLY D 2 -14.20 -2.20 13.03
CA GLY D 2 -14.06 -1.88 11.63
C GLY D 2 -14.03 -3.08 10.68
N SER D 3 -13.63 -4.24 11.18
CA SER D 3 -13.68 -5.44 10.36
C SER D 3 -14.21 -6.64 11.17
N HIS D 4 -14.85 -7.56 10.46
CA HIS D 4 -15.43 -8.74 11.08
C HIS D 4 -15.09 -9.97 10.23
N SER D 5 -15.13 -11.14 10.85
CA SER D 5 -14.68 -12.34 10.17
C SER D 5 -15.66 -13.51 10.29
N MET D 6 -15.64 -14.37 9.28
CA MET D 6 -16.29 -15.68 9.35
C MET D 6 -15.25 -16.72 9.02
N ARG D 7 -15.21 -17.78 9.82
CA ARG D 7 -14.27 -18.87 9.59
C ARG D 7 -14.97 -20.20 9.77
N TYR D 8 -14.65 -21.16 8.91
CA TYR D 8 -15.00 -22.54 9.15
C TYR D 8 -13.71 -23.32 9.35
N PHE D 9 -13.68 -24.17 10.36
CA PHE D 9 -12.53 -24.96 10.71
C PHE D 9 -12.93 -26.43 10.64
N SER D 10 -12.18 -27.26 9.94
CA SER D 10 -12.56 -28.68 9.91
C SER D 10 -11.35 -29.53 10.24
N THR D 11 -11.61 -30.68 10.85
CA THR D 11 -10.58 -31.62 11.25
C THR D 11 -11.04 -32.98 10.82
N SER D 12 -10.27 -33.67 9.99
CA SER D 12 -10.54 -35.07 9.70
C SER D 12 -9.40 -35.90 10.26
N VAL D 13 -9.74 -37.00 10.94
CA VAL D 13 -8.74 -37.88 11.51
C VAL D 13 -9.05 -39.31 11.08
N SER D 14 -8.13 -39.94 10.35
CA SER D 14 -8.36 -41.32 9.92
C SER D 14 -8.29 -42.25 11.13
N ARG D 15 -9.04 -43.36 11.04
CA ARG D 15 -9.19 -44.33 12.12
C ARG D 15 -8.97 -45.75 11.57
N PRO D 16 -7.74 -46.08 11.18
CA PRO D 16 -7.51 -47.37 10.50
C PRO D 16 -8.05 -48.56 11.29
N GLY D 17 -8.88 -49.37 10.64
CA GLY D 17 -9.48 -50.53 11.25
C GLY D 17 -10.77 -50.24 11.99
N ARG D 18 -11.12 -48.96 12.12
CA ARG D 18 -12.32 -48.57 12.85
C ARG D 18 -13.27 -47.72 12.01
N GLY D 19 -13.34 -48.04 10.72
CA GLY D 19 -14.27 -47.35 9.84
C GLY D 19 -13.73 -46.04 9.27
N GLU D 20 -14.65 -45.20 8.80
CA GLU D 20 -14.28 -43.96 8.13
C GLU D 20 -13.66 -42.93 9.07
N PRO D 21 -12.88 -41.98 8.51
CA PRO D 21 -12.32 -40.92 9.35
C PRO D 21 -13.39 -40.11 10.10
N ARG D 22 -13.09 -39.70 11.32
CA ARG D 22 -13.92 -38.74 12.03
C ARG D 22 -13.76 -37.37 11.37
N PHE D 23 -14.88 -36.71 11.08
CA PHE D 23 -14.86 -35.35 10.51
C PHE D 23 -15.64 -34.41 11.42
N ILE D 24 -15.03 -33.29 11.81
CA ILE D 24 -15.69 -32.29 12.61
C ILE D 24 -15.49 -30.94 11.95
N ALA D 25 -16.56 -30.18 11.78
CA ALA D 25 -16.44 -28.83 11.27
C ALA D 25 -17.21 -27.88 12.18
N VAL D 26 -16.66 -26.68 12.39
CA VAL D 26 -17.31 -25.65 13.20
C VAL D 26 -17.24 -24.31 12.46
N GLY D 27 -18.30 -23.51 12.56
CA GLY D 27 -18.27 -22.19 11.94
C GLY D 27 -18.28 -21.12 13.01
N TYR D 28 -17.48 -20.07 12.80
CA TYR D 28 -17.42 -18.93 13.70
C TYR D 28 -17.72 -17.61 12.98
N VAL D 29 -18.44 -16.71 13.65
CA VAL D 29 -18.39 -15.28 13.31
C VAL D 29 -17.59 -14.61 14.42
N ASP D 30 -16.48 -13.97 14.06
CA ASP D 30 -15.55 -13.41 15.03
C ASP D 30 -15.22 -14.49 16.06
N ASP D 31 -15.37 -14.21 17.36
CA ASP D 31 -15.04 -15.23 18.36
C ASP D 31 -16.24 -16.07 18.81
N THR D 32 -17.32 -16.06 18.02
CA THR D 32 -18.54 -16.77 18.42
C THR D 32 -18.88 -17.94 17.50
N GLN D 33 -18.94 -19.15 18.07
CA GLN D 33 -19.30 -20.32 17.28
C GLN D 33 -20.79 -20.32 16.96
N PHE D 34 -21.16 -20.70 15.74
CA PHE D 34 -22.58 -20.64 15.38
C PHE D 34 -23.14 -21.89 14.69
N VAL D 35 -22.27 -22.74 14.16
CA VAL D 35 -22.71 -24.03 13.63
C VAL D 35 -21.66 -25.11 13.89
N ARG D 36 -22.11 -26.36 13.91
CA ARG D 36 -21.17 -27.48 13.95
C ARG D 36 -21.68 -28.66 13.13
N PHE D 37 -20.75 -29.51 12.70
CA PHE D 37 -21.07 -30.79 12.11
C PHE D 37 -20.07 -31.81 12.65
N ASP D 38 -20.57 -32.99 13.01
CA ASP D 38 -19.70 -34.04 13.56
C ASP D 38 -20.15 -35.34 12.98
N SER D 39 -19.27 -36.02 12.24
CA SER D 39 -19.67 -37.22 11.52
C SER D 39 -20.09 -38.33 12.47
N ASP D 40 -19.65 -38.27 13.73
CA ASP D 40 -20.03 -39.28 14.74
C ASP D 40 -21.48 -39.12 15.23
N ALA D 41 -22.02 -37.91 15.15
CA ALA D 41 -23.34 -37.65 15.72
C ALA D 41 -24.47 -38.26 14.89
N ALA D 42 -25.61 -38.51 15.55
CA ALA D 42 -26.67 -39.26 14.90
C ALA D 42 -27.38 -38.46 13.82
N SER D 43 -27.57 -37.17 14.04
CA SER D 43 -28.37 -36.36 13.13
C SER D 43 -27.86 -36.37 11.69
N GLN D 44 -26.54 -36.43 11.53
CA GLN D 44 -25.90 -36.22 10.24
C GLN D 44 -26.35 -34.88 9.60
N ARG D 45 -26.52 -33.86 10.44
CA ARG D 45 -26.92 -32.52 9.99
C ARG D 45 -25.98 -31.45 10.50
N MET D 46 -25.85 -30.36 9.75
CA MET D 46 -25.31 -29.15 10.35
C MET D 46 -26.21 -28.72 11.50
N GLU D 47 -25.64 -28.41 12.66
CA GLU D 47 -26.44 -28.05 13.82
C GLU D 47 -26.15 -26.63 14.32
N PRO D 48 -27.20 -25.94 14.81
CA PRO D 48 -27.02 -24.58 15.32
C PRO D 48 -26.25 -24.57 16.64
N ARG D 49 -25.40 -23.56 16.84
CA ARG D 49 -24.65 -23.46 18.08
C ARG D 49 -24.72 -22.03 18.65
N ALA D 50 -25.42 -21.18 17.93
CA ALA D 50 -25.74 -19.84 18.41
C ALA D 50 -27.21 -19.56 18.18
N PRO D 51 -27.85 -18.84 19.11
CA PRO D 51 -29.29 -18.59 18.98
C PRO D 51 -29.69 -17.93 17.65
N TRP D 52 -28.93 -16.94 17.18
CA TRP D 52 -29.38 -16.19 16.02
C TRP D 52 -29.35 -16.97 14.70
N ILE D 53 -28.60 -18.06 14.63
CA ILE D 53 -28.59 -18.80 13.37
C ILE D 53 -29.91 -19.60 13.19
N GLU D 54 -30.63 -19.82 14.28
CA GLU D 54 -31.92 -20.51 14.15
C GLU D 54 -32.98 -19.63 13.47
N GLN D 55 -32.65 -18.38 13.16
CA GLN D 55 -33.51 -17.55 12.33
C GLN D 55 -33.54 -18.07 10.90
N GLU D 56 -32.58 -18.93 10.55
CA GLU D 56 -32.53 -19.42 9.18
C GLU D 56 -33.61 -20.48 8.93
N GLY D 57 -34.18 -20.44 7.74
CA GLY D 57 -35.23 -21.35 7.35
C GLY D 57 -34.74 -22.73 6.99
N PRO D 58 -35.67 -23.65 6.72
CA PRO D 58 -35.38 -25.07 6.52
C PRO D 58 -34.45 -25.31 5.33
N GLU D 59 -34.54 -24.47 4.31
CA GLU D 59 -33.69 -24.61 3.13
C GLU D 59 -32.22 -24.41 3.46
N TYR D 60 -31.93 -23.40 4.27
CA TYR D 60 -30.58 -23.17 4.79
C TYR D 60 -29.99 -24.45 5.37
N TRP D 61 -30.67 -25.04 6.35
CA TRP D 61 -30.16 -26.24 7.03
C TRP D 61 -29.95 -27.43 6.10
N ASP D 62 -30.83 -27.59 5.11
CA ASP D 62 -30.63 -28.65 4.13
C ASP D 62 -29.39 -28.39 3.27
N GLU D 63 -29.29 -27.17 2.75
CA GLU D 63 -28.16 -26.75 1.92
C GLU D 63 -26.81 -26.85 2.61
N GLU D 64 -26.75 -26.33 3.84
CA GLU D 64 -25.52 -26.34 4.62
C GLU D 64 -25.10 -27.77 4.98
N THR D 65 -26.08 -28.59 5.37
CA THR D 65 -25.82 -30.00 5.61
C THR D 65 -25.20 -30.68 4.40
N GLY D 66 -25.78 -30.46 3.22
CA GLY D 66 -25.24 -31.07 2.01
C GLY D 66 -23.83 -30.62 1.70
N LYS D 67 -23.57 -29.34 1.91
CA LYS D 67 -22.25 -28.79 1.64
C LYS D 67 -21.19 -29.36 2.58
N VAL D 68 -21.52 -29.47 3.86
CA VAL D 68 -20.51 -29.89 4.82
C VAL D 68 -20.32 -31.42 4.73
N LYS D 69 -21.37 -32.16 4.40
CA LYS D 69 -21.22 -33.60 4.16
C LYS D 69 -20.34 -33.85 2.92
N ALA D 70 -20.50 -33.01 1.90
CA ALA D 70 -19.69 -33.14 0.68
C ALA D 70 -18.21 -32.87 0.99
N HIS D 71 -17.94 -31.87 1.84
CA HIS D 71 -16.57 -31.64 2.33
C HIS D 71 -16.03 -32.88 3.06
N SER D 72 -16.79 -33.45 4.00
CA SER D 72 -16.32 -34.60 4.76
C SER D 72 -15.90 -35.74 3.84
N GLN D 73 -16.67 -35.96 2.77
CA GLN D 73 -16.36 -37.03 1.83
C GLN D 73 -15.10 -36.71 1.03
N THR D 74 -14.96 -35.45 0.62
CA THR D 74 -13.79 -35.10 -0.19
C THR D 74 -12.52 -35.18 0.66
N ASP D 75 -12.60 -34.81 1.93
CA ASP D 75 -11.42 -34.91 2.79
C ASP D 75 -11.08 -36.37 3.17
N ARG D 76 -12.07 -37.25 3.23
CA ARG D 76 -11.77 -38.69 3.35
C ARG D 76 -10.90 -39.13 2.18
N GLU D 77 -11.30 -38.72 0.97
CA GLU D 77 -10.55 -39.02 -0.24
C GLU D 77 -9.15 -38.39 -0.20
N ASN D 78 -9.07 -37.16 0.30
CA ASN D 78 -7.80 -36.46 0.34
C ASN D 78 -6.83 -37.11 1.34
N LEU D 79 -7.36 -37.64 2.45
CA LEU D 79 -6.53 -38.41 3.39
C LEU D 79 -5.88 -39.62 2.74
N ARG D 80 -6.62 -40.24 1.82
CA ARG D 80 -6.12 -41.40 1.08
C ARG D 80 -5.13 -40.98 -0.01
N ILE D 81 -5.42 -39.88 -0.68
CA ILE D 81 -4.50 -39.35 -1.68
C ILE D 81 -3.17 -38.99 -1.03
N ALA D 82 -3.24 -38.36 0.14
CA ALA D 82 -2.04 -37.96 0.84
C ALA D 82 -1.16 -39.17 1.19
N LEU D 83 -1.77 -40.29 1.58
CA LEU D 83 -0.98 -41.49 1.90
C LEU D 83 -0.10 -41.88 0.72
N ARG D 84 -0.69 -41.87 -0.47
CA ARG D 84 0.05 -42.16 -1.69
C ARG D 84 1.12 -41.13 -1.97
N TYR D 85 0.80 -39.84 -1.84
CA TYR D 85 1.81 -38.80 -2.10
C TYR D 85 3.00 -38.91 -1.15
N TYR D 86 2.75 -39.28 0.10
CA TYR D 86 3.83 -39.33 1.08
C TYR D 86 4.38 -40.77 1.29
N ASN D 87 3.91 -41.72 0.50
CA ASN D 87 4.29 -43.14 0.67
C ASN D 87 4.14 -43.61 2.12
N GLN D 88 2.97 -43.36 2.68
CA GLN D 88 2.70 -43.74 4.05
C GLN D 88 1.76 -44.93 4.05
N SER D 89 1.79 -45.71 5.13
CA SER D 89 0.99 -46.93 5.19
C SER D 89 -0.45 -46.65 5.57
N GLU D 90 -1.30 -47.62 5.27
CA GLU D 90 -2.71 -47.57 5.62
C GLU D 90 -2.93 -47.94 7.08
N ALA D 91 -1.86 -48.26 7.79
CA ALA D 91 -1.98 -48.62 9.20
C ALA D 91 -2.02 -47.41 10.14
N GLY D 92 -1.43 -46.31 9.72
CA GLY D 92 -1.24 -45.17 10.59
C GLY D 92 -2.40 -44.19 10.54
N SER D 93 -2.59 -43.46 11.64
CA SER D 93 -3.63 -42.44 11.72
C SER D 93 -3.06 -41.08 11.29
N HIS D 94 -3.84 -40.31 10.52
CA HIS D 94 -3.37 -38.99 10.07
C HIS D 94 -4.47 -37.95 10.19
N THR D 95 -4.06 -36.68 10.17
CA THR D 95 -4.96 -35.56 10.39
C THR D 95 -4.93 -34.62 9.19
N LEU D 96 -6.11 -34.22 8.73
CA LEU D 96 -6.22 -33.21 7.69
C LEU D 96 -7.10 -32.09 8.22
N GLN D 97 -6.56 -30.88 8.28
CA GLN D 97 -7.32 -29.71 8.74
C GLN D 97 -7.46 -28.67 7.64
N MET D 98 -8.58 -27.96 7.65
CA MET D 98 -8.89 -26.95 6.63
C MET D 98 -9.44 -25.74 7.35
N MET D 99 -9.02 -24.55 6.91
CA MET D 99 -9.70 -23.32 7.32
CA MET D 99 -9.69 -23.30 7.32
C MET D 99 -10.06 -22.52 6.07
N PHE D 100 -11.28 -21.97 6.04
CA PHE D 100 -11.64 -21.08 4.95
C PHE D 100 -12.57 -20.01 5.51
N GLY D 101 -12.73 -18.92 4.77
CA GLY D 101 -13.70 -17.91 5.14
C GLY D 101 -13.27 -16.56 4.66
N CYS D 102 -13.93 -15.54 5.17
CA CYS D 102 -13.68 -14.21 4.67
C CYS D 102 -13.78 -13.15 5.76
N ASP D 103 -13.20 -11.98 5.48
CA ASP D 103 -13.33 -10.78 6.32
C ASP D 103 -14.17 -9.76 5.55
N VAL D 104 -15.00 -9.00 6.26
CA VAL D 104 -15.71 -7.88 5.65
C VAL D 104 -15.50 -6.61 6.49
N GLY D 105 -15.59 -5.46 5.84
CA GLY D 105 -15.54 -4.20 6.56
C GLY D 105 -16.88 -3.94 7.25
N SER D 106 -16.97 -2.89 8.05
CA SER D 106 -18.21 -2.59 8.77
C SER D 106 -19.30 -2.11 7.81
N ASP D 107 -18.91 -1.74 6.60
CA ASP D 107 -19.84 -1.47 5.50
C ASP D 107 -20.29 -2.74 4.78
N GLY D 108 -19.90 -3.90 5.31
CA GLY D 108 -20.31 -5.18 4.75
C GLY D 108 -19.61 -5.66 3.49
N ARG D 109 -18.59 -4.95 3.03
CA ARG D 109 -17.94 -5.35 1.79
C ARG D 109 -16.64 -6.13 2.02
N PHE D 110 -16.34 -6.99 1.05
CA PHE D 110 -15.19 -7.90 1.08
C PHE D 110 -13.86 -7.23 1.43
N LEU D 111 -13.17 -7.78 2.43
CA LEU D 111 -11.81 -7.35 2.77
C LEU D 111 -10.76 -8.39 2.40
N ARG D 112 -11.05 -9.65 2.67
CA ARG D 112 -10.06 -10.72 2.52
C ARG D 112 -10.69 -12.11 2.54
N GLY D 113 -10.05 -13.06 1.87
CA GLY D 113 -10.53 -14.44 1.86
C GLY D 113 -9.42 -15.42 2.17
N TYR D 114 -9.79 -16.61 2.65
CA TYR D 114 -8.84 -17.64 3.06
C TYR D 114 -9.33 -19.00 2.63
N HIS D 115 -8.38 -19.86 2.29
CA HIS D 115 -8.69 -21.25 1.96
C HIS D 115 -7.40 -22.04 2.07
N GLN D 116 -7.21 -22.75 3.18
CA GLN D 116 -5.92 -23.40 3.39
C GLN D 116 -6.01 -24.72 4.16
N TYR D 117 -5.02 -25.58 3.92
CA TYR D 117 -4.95 -26.94 4.44
C TYR D 117 -3.68 -27.20 5.22
N ALA D 118 -3.77 -28.07 6.22
CA ALA D 118 -2.60 -28.63 6.85
C ALA D 118 -2.78 -30.14 6.97
N TYR D 119 -1.70 -30.88 6.76
CA TYR D 119 -1.69 -32.34 6.90
C TYR D 119 -0.74 -32.71 8.03
N ASP D 120 -1.25 -33.49 8.98
CA ASP D 120 -0.49 -33.85 10.18
C ASP D 120 0.17 -32.62 10.83
N GLY D 121 -0.60 -31.55 10.96
CA GLY D 121 -0.14 -30.39 11.70
C GLY D 121 0.82 -29.47 10.98
N LYS D 122 1.02 -29.69 9.68
CA LYS D 122 1.95 -28.92 8.88
C LYS D 122 1.26 -28.35 7.65
N ASP D 123 1.55 -27.09 7.32
CA ASP D 123 0.93 -26.46 6.16
C ASP D 123 1.10 -27.32 4.92
N TYR D 124 0.02 -27.47 4.17
CA TYR D 124 0.06 -28.25 2.94
C TYR D 124 -0.11 -27.31 1.76
N ILE D 125 -1.26 -26.66 1.65
CA ILE D 125 -1.47 -25.70 0.57
C ILE D 125 -2.42 -24.59 1.03
N ALA D 126 -2.17 -23.37 0.55
CA ALA D 126 -3.01 -22.22 0.90
C ALA D 126 -3.21 -21.27 -0.26
N LEU D 127 -4.44 -20.77 -0.38
CA LEU D 127 -4.78 -19.76 -1.36
C LEU D 127 -4.11 -18.47 -0.91
N LYS D 128 -3.41 -17.81 -1.82
CA LYS D 128 -2.76 -16.56 -1.48
C LYS D 128 -3.77 -15.42 -1.47
N GLU D 129 -3.35 -14.26 -0.96
CA GLU D 129 -4.29 -13.15 -0.71
C GLU D 129 -4.96 -12.63 -1.98
N ASP D 130 -4.27 -12.72 -3.12
CA ASP D 130 -4.86 -12.27 -4.37
C ASP D 130 -5.94 -13.23 -4.90
N LEU D 131 -6.12 -14.34 -4.19
CA LEU D 131 -7.12 -15.36 -4.52
C LEU D 131 -6.99 -15.89 -5.94
N ARG D 132 -5.77 -15.89 -6.46
CA ARG D 132 -5.53 -16.27 -7.84
C ARG D 132 -4.37 -17.23 -7.95
N SER D 133 -3.69 -17.45 -6.83
CA SER D 133 -2.47 -18.24 -6.80
C SER D 133 -2.36 -19.01 -5.48
N TRP D 134 -1.52 -20.03 -5.49
CA TRP D 134 -1.41 -20.97 -4.37
C TRP D 134 -0.01 -21.01 -3.80
N THR D 135 0.10 -21.08 -2.48
CA THR D 135 1.37 -21.45 -1.86
C THR D 135 1.36 -22.94 -1.46
N ALA D 136 2.31 -23.71 -1.97
CA ALA D 136 2.38 -25.14 -1.68
C ALA D 136 3.68 -25.44 -0.93
N ALA D 137 3.57 -26.11 0.21
CA ALA D 137 4.66 -26.15 1.18
C ALA D 137 5.73 -27.21 0.90
N ASP D 138 5.40 -28.25 0.12
CA ASP D 138 6.35 -29.35 -0.10
C ASP D 138 6.14 -30.03 -1.44
N MET D 139 6.86 -31.14 -1.70
CA MET D 139 6.80 -31.78 -3.01
C MET D 139 5.40 -32.27 -3.35
N ALA D 140 4.76 -32.92 -2.37
CA ALA D 140 3.44 -33.48 -2.58
C ALA D 140 2.46 -32.38 -2.94
N ALA D 141 2.52 -31.29 -2.19
CA ALA D 141 1.57 -30.21 -2.40
C ALA D 141 1.75 -29.54 -3.76
N GLN D 142 2.92 -29.71 -4.40
CA GLN D 142 3.08 -29.15 -5.75
C GLN D 142 2.21 -29.91 -6.74
N ILE D 143 2.02 -31.21 -6.50
CA ILE D 143 1.12 -32.00 -7.33
C ILE D 143 -0.31 -31.46 -7.23
N THR D 144 -0.73 -31.21 -6.00
CA THR D 144 -2.07 -30.66 -5.77
C THR D 144 -2.21 -29.26 -6.40
N LYS D 145 -1.20 -28.42 -6.20
CA LYS D 145 -1.21 -27.08 -6.80
C LYS D 145 -1.35 -27.12 -8.33
N ARG D 146 -0.59 -28.00 -9.00
CA ARG D 146 -0.68 -28.15 -10.45
CA ARG D 146 -0.68 -28.16 -10.44
C ARG D 146 -2.09 -28.58 -10.85
N LYS D 147 -2.63 -29.55 -10.12
CA LYS D 147 -3.97 -30.03 -10.39
C LYS D 147 -5.03 -28.90 -10.21
N TRP D 148 -4.88 -28.10 -9.17
CA TRP D 148 -5.85 -27.04 -8.88
C TRP D 148 -5.72 -25.85 -9.84
N GLU D 149 -4.50 -25.58 -10.28
CA GLU D 149 -4.29 -24.60 -11.35
C GLU D 149 -5.02 -25.04 -12.62
N ALA D 150 -4.86 -26.30 -13.00
CA ALA D 150 -5.50 -26.82 -14.20
C ALA D 150 -7.03 -26.88 -14.13
N ALA D 151 -7.57 -27.07 -12.92
CA ALA D 151 -9.02 -27.17 -12.72
C ALA D 151 -9.65 -25.84 -12.33
N HIS D 152 -8.86 -24.77 -12.36
CA HIS D 152 -9.33 -23.42 -12.03
C HIS D 152 -9.98 -23.30 -10.65
N VAL D 153 -9.40 -23.96 -9.66
CA VAL D 153 -9.94 -23.95 -8.31
C VAL D 153 -9.86 -22.55 -7.65
N ALA D 154 -8.78 -21.82 -7.91
CA ALA D 154 -8.64 -20.50 -7.31
C ALA D 154 -9.82 -19.61 -7.72
N GLU D 155 -10.25 -19.73 -8.98
CA GLU D 155 -11.37 -18.93 -9.47
C GLU D 155 -12.69 -19.34 -8.83
N GLN D 156 -12.89 -20.64 -8.62
CA GLN D 156 -14.07 -21.12 -7.94
C GLN D 156 -14.11 -20.57 -6.52
N GLN D 157 -12.97 -20.65 -5.84
CA GLN D 157 -12.87 -20.18 -4.47
C GLN D 157 -13.07 -18.68 -4.37
N ARG D 158 -12.41 -17.94 -5.27
CA ARG D 158 -12.57 -16.49 -5.31
C ARG D 158 -14.04 -16.07 -5.38
N ALA D 159 -14.81 -16.72 -6.24
CA ALA D 159 -16.22 -16.40 -6.39
C ALA D 159 -17.00 -16.72 -5.10
N TYR D 160 -16.64 -17.79 -4.39
CA TYR D 160 -17.32 -18.11 -3.13
C TYR D 160 -16.94 -17.07 -2.07
N LEU D 161 -15.65 -16.76 -1.96
CA LEU D 161 -15.15 -15.88 -0.91
C LEU D 161 -15.66 -14.42 -1.04
N GLU D 162 -15.84 -13.97 -2.28
CA GLU D 162 -16.24 -12.59 -2.57
C GLU D 162 -17.77 -12.47 -2.69
N GLY D 163 -18.45 -13.60 -2.72
CA GLY D 163 -19.89 -13.62 -2.93
C GLY D 163 -20.61 -14.24 -1.75
N THR D 164 -20.87 -15.54 -1.84
CA THR D 164 -21.54 -16.31 -0.81
C THR D 164 -21.03 -16.06 0.62
N CYS D 165 -19.72 -16.17 0.80
CA CYS D 165 -19.10 -15.99 2.12
C CYS D 165 -19.42 -14.61 2.70
N VAL D 166 -19.31 -13.58 1.85
CA VAL D 166 -19.58 -12.18 2.24
C VAL D 166 -21.05 -11.97 2.60
N ASP D 167 -21.92 -12.40 1.70
CA ASP D 167 -23.37 -12.31 1.89
C ASP D 167 -23.80 -13.05 3.15
N GLY D 168 -23.17 -14.20 3.39
CA GLY D 168 -23.46 -14.99 4.56
C GLY D 168 -23.10 -14.22 5.82
N LEU D 169 -21.85 -13.78 5.89
CA LEU D 169 -21.36 -13.07 7.07
C LEU D 169 -22.16 -11.78 7.33
N ARG D 170 -22.54 -11.07 6.27
CA ARG D 170 -23.26 -9.80 6.42
C ARG D 170 -24.59 -10.04 7.11
N ARG D 171 -25.29 -11.06 6.64
CA ARG D 171 -26.56 -11.45 7.23
C ARG D 171 -26.44 -11.88 8.70
N TYR D 172 -25.43 -12.71 9.00
CA TYR D 172 -25.20 -13.17 10.37
C TYR D 172 -24.92 -12.01 11.31
N LEU D 173 -24.10 -11.06 10.82
CA LEU D 173 -23.74 -9.90 11.63
C LEU D 173 -25.00 -9.10 11.98
N GLU D 174 -25.94 -9.03 11.06
CA GLU D 174 -27.19 -8.31 11.30
C GLU D 174 -28.12 -9.10 12.22
N ASN D 175 -28.36 -10.36 11.91
CA ASN D 175 -29.25 -11.16 12.76
C ASN D 175 -28.70 -11.32 14.16
N GLY D 176 -27.37 -11.29 14.31
CA GLY D 176 -26.78 -11.56 15.60
C GLY D 176 -26.31 -10.32 16.35
N LYS D 177 -26.67 -9.15 15.84
CA LYS D 177 -26.05 -7.91 16.29
C LYS D 177 -26.17 -7.64 17.78
N GLU D 178 -27.22 -8.14 18.44
CA GLU D 178 -27.41 -7.86 19.85
C GLU D 178 -26.41 -8.63 20.73
N THR D 179 -25.82 -9.70 20.19
CA THR D 179 -24.79 -10.43 20.93
C THR D 179 -23.41 -10.29 20.26
N LEU D 180 -23.34 -10.50 18.96
CA LEU D 180 -22.07 -10.37 18.22
C LEU D 180 -21.47 -8.97 18.27
N GLN D 181 -22.31 -7.96 18.12
CA GLN D 181 -21.79 -6.60 17.96
C GLN D 181 -21.93 -5.79 19.23
N ARG D 182 -22.05 -6.49 20.35
CA ARG D 182 -22.04 -5.81 21.63
C ARG D 182 -20.78 -6.20 22.40
N THR D 183 -19.85 -5.26 22.42
CA THR D 183 -18.59 -5.44 23.13
C THR D 183 -18.85 -5.47 24.64
N ASP D 184 -18.42 -6.54 25.28
CA ASP D 184 -18.47 -6.62 26.73
C ASP D 184 -17.14 -6.14 27.31
N PRO D 185 -17.18 -5.06 28.11
CA PRO D 185 -15.96 -4.47 28.68
C PRO D 185 -15.35 -5.32 29.78
N PRO D 186 -14.01 -5.29 29.91
CA PRO D 186 -13.29 -6.04 30.94
C PRO D 186 -13.74 -5.67 32.35
N LYS D 187 -13.88 -6.66 33.22
CA LYS D 187 -14.20 -6.41 34.61
C LYS D 187 -12.94 -6.62 35.45
N THR D 188 -12.25 -5.51 35.72
CA THR D 188 -10.92 -5.55 36.32
C THR D 188 -10.92 -5.89 37.80
N HIS D 189 -9.78 -6.38 38.27
CA HIS D 189 -9.60 -6.82 39.64
C HIS D 189 -8.12 -6.97 39.92
N MET D 190 -7.72 -6.89 41.19
CA MET D 190 -6.30 -6.99 41.53
C MET D 190 -6.08 -7.75 42.83
N THR D 191 -4.95 -8.43 42.93
CA THR D 191 -4.65 -9.25 44.09
C THR D 191 -3.14 -9.44 44.27
N HIS D 192 -2.61 -8.92 45.38
CA HIS D 192 -1.22 -9.10 45.77
C HIS D 192 -0.24 -8.77 44.64
N LEU D 202 3.62 -10.42 40.37
CA LEU D 202 2.80 -9.43 39.68
C LEU D 202 1.55 -10.05 39.03
N ARG D 203 0.38 -9.75 39.57
CA ARG D 203 -0.87 -10.27 39.02
C ARG D 203 -2.09 -9.38 39.27
N CYS D 204 -2.69 -8.88 38.19
CA CYS D 204 -4.00 -8.24 38.23
C CYS D 204 -4.92 -8.94 37.23
N TRP D 205 -6.22 -8.78 37.40
CA TRP D 205 -7.18 -9.65 36.72
C TRP D 205 -8.11 -8.96 35.71
N ALA D 206 -8.35 -9.65 34.59
CA ALA D 206 -9.30 -9.20 33.58
C ALA D 206 -10.33 -10.29 33.27
N LEU D 207 -11.58 -10.05 33.69
CA LEU D 207 -12.63 -11.06 33.60
C LEU D 207 -13.85 -10.61 32.81
N GLY D 208 -14.53 -11.58 32.20
CA GLY D 208 -15.82 -11.36 31.57
C GLY D 208 -15.87 -10.38 30.40
N PHE D 209 -14.92 -10.49 29.48
CA PHE D 209 -14.88 -9.58 28.33
C PHE D 209 -15.06 -10.30 27.00
N TYR D 210 -15.59 -9.56 26.03
CA TYR D 210 -15.71 -10.02 24.65
C TYR D 210 -15.45 -8.83 23.71
N PRO D 211 -14.64 -9.04 22.65
CA PRO D 211 -13.96 -10.28 22.27
C PRO D 211 -12.73 -10.61 23.11
N ALA D 212 -11.98 -11.63 22.69
CA ALA D 212 -10.89 -12.20 23.49
C ALA D 212 -9.65 -11.33 23.51
N GLU D 213 -9.50 -10.48 22.50
CA GLU D 213 -8.29 -9.68 22.37
C GLU D 213 -8.18 -8.69 23.51
N ILE D 214 -7.08 -8.79 24.25
CA ILE D 214 -6.85 -7.93 25.40
C ILE D 214 -5.35 -7.72 25.63
N THR D 215 -5.00 -6.58 26.22
CA THR D 215 -3.59 -6.28 26.49
C THR D 215 -3.37 -5.84 27.94
N LEU D 216 -2.76 -6.73 28.73
CA LEU D 216 -2.33 -6.40 30.08
C LEU D 216 -0.85 -6.01 30.06
N THR D 217 -0.53 -4.84 30.60
CA THR D 217 0.86 -4.41 30.68
C THR D 217 1.24 -3.98 32.10
N TRP D 218 2.48 -4.26 32.48
CA TRP D 218 2.99 -3.89 33.80
C TRP D 218 3.98 -2.74 33.72
N GLN D 219 3.98 -1.88 34.72
CA GLN D 219 4.93 -0.76 34.78
C GLN D 219 5.43 -0.48 36.19
N ARG D 220 6.72 -0.17 36.30
CA ARG D 220 7.35 0.22 37.56
C ARG D 220 7.45 1.74 37.67
N ASP D 221 6.65 2.32 38.56
CA ASP D 221 6.61 3.78 38.76
C ASP D 221 6.25 4.54 37.48
N GLY D 222 5.66 3.84 36.52
CA GLY D 222 5.32 4.45 35.25
C GLY D 222 6.30 4.10 34.14
N GLU D 223 7.25 3.23 34.44
CA GLU D 223 8.25 2.79 33.47
C GLU D 223 8.06 1.33 33.12
N ASP D 224 8.19 0.99 31.84
CA ASP D 224 7.95 -0.38 31.37
C ASP D 224 8.95 -1.36 31.97
N GLU D 233 -2.15 -17.33 29.05
CA GLU D 233 -2.87 -17.05 27.80
C GLU D 233 -4.33 -16.76 28.09
N THR D 234 -4.98 -16.01 27.21
CA THR D 234 -6.40 -15.72 27.33
C THR D 234 -7.21 -17.01 27.33
N ARG D 235 -8.26 -17.07 28.14
CA ARG D 235 -9.06 -18.28 28.27
C ARG D 235 -10.56 -17.98 28.24
N PRO D 236 -11.35 -18.89 27.67
CA PRO D 236 -12.81 -18.73 27.69
C PRO D 236 -13.39 -18.99 29.07
N ALA D 237 -14.36 -18.18 29.48
CA ALA D 237 -15.00 -18.34 30.78
C ALA D 237 -16.05 -19.44 30.76
N GLY D 238 -16.52 -19.79 29.56
CA GLY D 238 -17.53 -20.82 29.41
C GLY D 238 -18.93 -20.24 29.27
N ASP D 239 -19.02 -18.91 29.25
CA ASP D 239 -20.32 -18.25 29.08
C ASP D 239 -20.27 -17.18 27.99
N GLY D 240 -19.35 -17.34 27.04
CA GLY D 240 -19.25 -16.44 25.90
C GLY D 240 -18.14 -15.41 26.06
N THR D 241 -17.69 -15.21 27.29
CA THR D 241 -16.66 -14.21 27.57
C THR D 241 -15.32 -14.84 27.93
N PHE D 242 -14.29 -14.01 28.07
CA PHE D 242 -12.92 -14.49 28.25
C PHE D 242 -12.27 -13.94 29.52
N GLN D 243 -11.15 -14.56 29.90
CA GLN D 243 -10.41 -14.19 31.12
C GLN D 243 -8.90 -14.15 30.87
N LYS D 244 -8.19 -13.36 31.67
CA LYS D 244 -6.73 -13.33 31.63
C LYS D 244 -6.14 -12.60 32.83
N TRP D 245 -4.90 -12.93 33.21
CA TRP D 245 -4.16 -12.11 34.16
C TRP D 245 -2.67 -12.07 33.82
N THR D 259 0.79 -0.19 38.78
CA THR D 259 0.04 0.25 37.60
C THR D 259 -0.16 -0.88 36.60
N CYS D 260 -1.42 -1.19 36.28
CA CYS D 260 -1.74 -2.28 35.38
C CYS D 260 -1.85 -1.81 33.93
N HIS D 264 -8.83 -2.42 24.77
CA HIS D 264 -10.00 -3.22 24.46
C HIS D 264 -11.19 -2.35 24.04
N GLU D 265 -12.05 -2.89 23.19
CA GLU D 265 -13.20 -2.17 22.65
C GLU D 265 -14.13 -1.61 23.73
N GLY D 266 -14.38 -2.41 24.76
CA GLY D 266 -15.22 -1.98 25.87
C GLY D 266 -14.50 -1.02 26.80
N ALA E 1 3.87 -34.63 10.51
CA ALA E 1 4.64 -35.40 11.47
C ALA E 1 4.89 -34.59 12.75
N ILE E 2 4.69 -33.28 12.66
CA ILE E 2 4.89 -32.34 13.77
C ILE E 2 4.01 -32.66 14.97
N GLN E 3 4.59 -32.69 16.16
CA GLN E 3 3.82 -32.96 17.38
C GLN E 3 4.03 -31.87 18.43
N ARG E 4 2.93 -31.39 18.99
CA ARG E 4 2.97 -30.35 20.02
CA ARG E 4 2.98 -30.36 20.02
C ARG E 4 2.31 -30.85 21.30
N THR E 5 2.85 -30.44 22.44
CA THR E 5 2.36 -30.88 23.75
C THR E 5 1.37 -29.90 24.37
N PRO E 6 0.37 -30.43 25.08
CA PRO E 6 -0.71 -29.60 25.63
C PRO E 6 -0.27 -28.64 26.72
N LYS E 7 -0.96 -27.51 26.78
CA LYS E 7 -0.85 -26.55 27.87
C LYS E 7 -2.14 -26.62 28.65
N ILE E 8 -2.04 -26.72 29.98
CA ILE E 8 -3.22 -26.95 30.82
C ILE E 8 -3.42 -25.86 31.86
N GLN E 9 -4.65 -25.33 31.91
CA GLN E 9 -5.00 -24.22 32.78
C GLN E 9 -6.38 -24.46 33.39
N VAL E 10 -6.49 -24.39 34.71
CA VAL E 10 -7.72 -24.79 35.38
C VAL E 10 -8.25 -23.67 36.28
N TYR E 11 -9.54 -23.41 36.19
CA TYR E 11 -10.13 -22.21 36.77
C TYR E 11 -11.65 -22.25 36.86
N SER E 12 -12.23 -21.36 37.66
CA SER E 12 -13.68 -21.21 37.72
C SER E 12 -14.14 -20.04 36.84
N ARG E 13 -15.41 -20.04 36.47
CA ARG E 13 -15.99 -18.98 35.64
C ARG E 13 -16.14 -17.67 36.42
N HIS E 14 -16.67 -17.78 37.63
CA HIS E 14 -16.78 -16.65 38.54
C HIS E 14 -15.88 -16.89 39.76
N PRO E 15 -15.32 -15.82 40.35
CA PRO E 15 -14.42 -15.89 41.51
C PRO E 15 -14.93 -16.80 42.63
N ALA E 16 -14.00 -17.45 43.32
CA ALA E 16 -14.34 -18.42 44.37
C ALA E 16 -15.24 -17.81 45.45
N GLU E 17 -16.49 -18.26 45.46
CA GLU E 17 -17.45 -17.84 46.49
C GLU E 17 -18.01 -19.08 47.19
N ASN E 18 -17.37 -19.48 48.29
CA ASN E 18 -17.72 -20.71 48.98
C ASN E 18 -19.19 -20.74 49.44
N GLY E 19 -19.88 -21.83 49.11
CA GLY E 19 -21.27 -21.99 49.45
C GLY E 19 -22.20 -21.62 48.30
N LYS E 20 -21.61 -21.20 47.18
CA LYS E 20 -22.38 -20.74 46.04
C LYS E 20 -22.05 -21.51 44.76
N SER E 21 -23.03 -21.61 43.86
CA SER E 21 -22.85 -22.33 42.60
C SER E 21 -21.98 -21.59 41.60
N ASN E 22 -21.24 -22.35 40.81
CA ASN E 22 -20.32 -21.81 39.83
C ASN E 22 -20.07 -22.83 38.71
N PHE E 23 -19.13 -22.52 37.83
CA PHE E 23 -18.71 -23.46 36.80
C PHE E 23 -17.21 -23.70 36.85
N LEU E 24 -16.81 -24.96 36.93
CA LEU E 24 -15.39 -25.30 36.93
C LEU E 24 -14.90 -25.57 35.51
N ASN E 25 -13.80 -24.93 35.13
CA ASN E 25 -13.28 -25.02 33.78
C ASN E 25 -11.90 -25.66 33.72
N CYS E 26 -11.66 -26.46 32.68
CA CYS E 26 -10.30 -26.86 32.32
C CYS E 26 -10.08 -26.61 30.82
N TYR E 27 -9.12 -25.74 30.53
CA TYR E 27 -8.81 -25.35 29.16
C TYR E 27 -7.50 -26.00 28.71
N VAL E 28 -7.60 -26.96 27.79
CA VAL E 28 -6.40 -27.60 27.24
C VAL E 28 -6.16 -27.10 25.81
N SER E 29 -4.93 -26.67 25.54
CA SER E 29 -4.60 -26.02 24.28
C SER E 29 -3.20 -26.32 23.79
N GLY E 30 -2.93 -25.96 22.54
CA GLY E 30 -1.60 -26.07 21.98
C GLY E 30 -1.08 -27.47 21.69
N PHE E 31 -1.96 -28.44 21.48
CA PHE E 31 -1.49 -29.80 21.24
C PHE E 31 -1.84 -30.34 19.86
N HIS E 32 -1.09 -31.36 19.44
CA HIS E 32 -1.27 -31.99 18.16
C HIS E 32 -0.55 -33.35 18.19
N PRO E 33 -1.24 -34.45 17.82
CA PRO E 33 -2.58 -34.54 17.23
C PRO E 33 -3.72 -34.35 18.22
N SER E 34 -4.96 -34.55 17.76
CA SER E 34 -6.13 -34.12 18.54
C SER E 34 -6.61 -35.11 19.61
N ASP E 35 -6.16 -36.35 19.54
CA ASP E 35 -6.55 -37.35 20.55
C ASP E 35 -6.07 -36.97 21.94
N ILE E 36 -6.97 -36.93 22.91
CA ILE E 36 -6.59 -36.49 24.26
C ILE E 36 -7.59 -36.94 25.35
N GLU E 37 -7.09 -37.03 26.58
CA GLU E 37 -7.90 -37.48 27.72
C GLU E 37 -7.94 -36.43 28.83
N VAL E 38 -9.14 -35.95 29.16
CA VAL E 38 -9.29 -34.89 30.16
C VAL E 38 -10.31 -35.26 31.24
N ASP E 39 -9.87 -35.25 32.50
CA ASP E 39 -10.76 -35.50 33.64
C ASP E 39 -10.80 -34.30 34.59
N LEU E 40 -12.00 -33.98 35.09
CA LEU E 40 -12.15 -32.91 36.06
C LEU E 40 -12.20 -33.44 37.49
N ASN E 43 -11.70 -34.65 44.60
CA ASN E 43 -10.94 -35.49 45.52
C ASN E 43 -10.21 -36.62 44.81
N GLY E 44 -9.56 -36.30 43.69
CA GLY E 44 -8.84 -37.29 42.91
C GLY E 44 -9.76 -38.21 42.14
N GLU E 45 -11.06 -37.95 42.24
CA GLU E 45 -12.06 -38.73 41.53
C GLU E 45 -12.45 -38.07 40.21
N ARG E 46 -12.79 -38.90 39.23
CA ARG E 46 -13.26 -38.40 37.93
C ARG E 46 -14.68 -37.88 38.06
N ILE E 47 -14.83 -36.56 37.97
CA ILE E 47 -16.15 -35.93 38.04
C ILE E 47 -17.03 -36.40 36.88
N GLU E 48 -18.23 -36.83 37.19
CA GLU E 48 -19.14 -37.34 36.18
C GLU E 48 -19.86 -36.21 35.44
N LYS E 49 -20.34 -36.52 34.24
CA LYS E 49 -21.10 -35.61 33.39
C LYS E 49 -20.32 -34.33 33.04
N VAL E 50 -19.04 -34.49 32.75
CA VAL E 50 -18.22 -33.37 32.29
C VAL E 50 -18.55 -33.03 30.83
N GLU E 51 -18.88 -31.76 30.58
CA GLU E 51 -19.17 -31.31 29.23
C GLU E 51 -17.93 -30.68 28.61
N HIS E 52 -17.90 -30.56 27.29
CA HIS E 52 -16.80 -29.86 26.63
C HIS E 52 -17.25 -29.20 25.33
N SER E 53 -16.42 -28.28 24.83
CA SER E 53 -16.74 -27.54 23.62
C SER E 53 -16.42 -28.35 22.35
N ASP E 54 -16.88 -27.86 21.21
CA ASP E 54 -16.63 -28.53 19.92
C ASP E 54 -15.18 -28.31 19.53
N LEU E 55 -14.57 -29.34 18.95
CA LEU E 55 -13.15 -29.28 18.66
C LEU E 55 -12.81 -28.20 17.65
N SER E 56 -11.88 -27.34 18.02
CA SER E 56 -11.37 -26.35 17.09
C SER E 56 -9.88 -26.16 17.31
N PHE E 57 -9.31 -25.27 16.54
CA PHE E 57 -7.87 -25.17 16.57
C PHE E 57 -7.42 -23.75 16.25
N SER E 58 -6.17 -23.44 16.63
CA SER E 58 -5.63 -22.09 16.51
C SER E 58 -4.87 -21.91 15.21
N LYS E 59 -4.34 -20.70 15.00
CA LYS E 59 -3.67 -20.34 13.76
C LYS E 59 -2.51 -21.24 13.40
N ASP E 60 -1.85 -21.83 14.40
CA ASP E 60 -0.72 -22.71 14.13
C ASP E 60 -1.18 -24.15 13.95
N TRP E 61 -2.51 -24.31 13.89
CA TRP E 61 -3.22 -25.59 13.68
C TRP E 61 -3.29 -26.45 14.93
N SER E 62 -2.76 -25.98 16.05
CA SER E 62 -2.85 -26.72 17.31
C SER E 62 -4.27 -26.66 17.89
N PHE E 63 -4.67 -27.74 18.55
CA PHE E 63 -6.04 -27.90 19.05
C PHE E 63 -6.27 -27.30 20.43
N TYR E 64 -7.52 -26.90 20.72
CA TYR E 64 -7.87 -26.50 22.07
C TYR E 64 -9.29 -26.96 22.43
N LEU E 65 -9.49 -27.28 23.70
CA LEU E 65 -10.79 -27.72 24.20
C LEU E 65 -11.07 -27.19 25.59
N LEU E 66 -12.27 -26.65 25.78
CA LEU E 66 -12.73 -26.23 27.11
C LEU E 66 -13.63 -27.29 27.72
N TYR E 67 -13.18 -27.88 28.83
CA TYR E 67 -13.98 -28.83 29.61
C TYR E 67 -14.59 -28.13 30.81
N TYR E 68 -15.87 -28.40 31.08
CA TYR E 68 -16.55 -27.68 32.15
C TYR E 68 -17.66 -28.49 32.82
N THR E 69 -17.88 -28.21 34.09
CA THR E 69 -19.00 -28.75 34.86
C THR E 69 -19.44 -27.77 35.93
N GLU E 70 -20.67 -27.92 36.40
CA GLU E 70 -21.16 -27.10 37.49
C GLU E 70 -20.63 -27.64 38.81
N PHE E 71 -20.18 -26.74 39.67
CA PHE E 71 -19.69 -27.15 40.99
C PHE E 71 -19.99 -26.07 42.02
N THR E 72 -20.05 -26.47 43.29
CA THR E 72 -20.20 -25.52 44.39
C THR E 72 -18.99 -25.65 45.30
N PRO E 73 -18.02 -24.75 45.13
CA PRO E 73 -16.78 -24.81 45.90
C PRO E 73 -17.00 -24.56 47.40
N THR E 74 -16.39 -25.38 48.24
CA THR E 74 -16.38 -25.13 49.67
C THR E 74 -14.95 -24.84 50.12
N GLU E 75 -14.74 -24.74 51.42
CA GLU E 75 -13.44 -24.35 51.94
C GLU E 75 -12.37 -25.42 51.73
N LYS E 76 -12.78 -26.68 51.68
CA LYS E 76 -11.82 -27.78 51.73
C LYS E 76 -11.85 -28.76 50.55
N ASP E 77 -12.97 -28.84 49.84
CA ASP E 77 -13.06 -29.80 48.74
C ASP E 77 -12.06 -29.46 47.63
N GLU E 78 -11.45 -30.49 47.07
CA GLU E 78 -10.38 -30.32 46.09
C GLU E 78 -10.83 -30.64 44.66
N TYR E 79 -10.47 -29.77 43.73
CA TYR E 79 -10.77 -29.95 42.32
C TYR E 79 -9.49 -29.87 41.47
N ALA E 80 -9.37 -30.76 40.48
CA ALA E 80 -8.17 -30.78 39.65
C ALA E 80 -8.45 -31.38 38.27
N CYS E 81 -7.52 -31.16 37.34
CA CYS E 81 -7.68 -31.57 35.94
C CYS E 81 -6.63 -32.61 35.52
N ARG E 82 -7.10 -33.84 35.28
CA ARG E 82 -6.22 -34.93 34.86
C ARG E 82 -6.18 -35.00 33.33
N VAL E 83 -4.97 -34.87 32.77
CA VAL E 83 -4.82 -34.79 31.33
C VAL E 83 -3.80 -35.77 30.77
N ASN E 84 -4.24 -36.59 29.81
CA ASN E 84 -3.34 -37.53 29.15
C ASN E 84 -3.36 -37.38 27.63
N HIS E 85 -2.18 -37.46 27.03
CA HIS E 85 -1.99 -37.21 25.61
C HIS E 85 -0.73 -37.96 25.17
N VAL E 86 -0.58 -38.23 23.87
CA VAL E 86 0.52 -39.05 23.39
C VAL E 86 1.89 -38.44 23.70
N THR E 87 1.99 -37.11 23.67
CA THR E 87 3.27 -36.43 23.91
C THR E 87 3.69 -36.47 25.38
N LEU E 88 2.86 -37.08 26.22
CA LEU E 88 3.17 -37.27 27.63
C LEU E 88 3.57 -38.72 27.89
N SER E 89 4.41 -38.93 28.90
CA SER E 89 4.72 -40.28 29.34
C SER E 89 3.78 -40.70 30.45
N GLN E 90 3.11 -39.70 31.04
CA GLN E 90 2.21 -39.91 32.16
C GLN E 90 1.30 -38.69 32.33
N PRO E 91 0.03 -38.90 32.69
CA PRO E 91 -0.92 -37.81 32.95
C PRO E 91 -0.41 -36.75 33.93
N ARG F 1 -22.29 -19.36 5.64
CA ARG F 1 -22.54 -20.12 4.46
C ARG F 1 -21.31 -20.90 4.04
N TYR F 2 -21.44 -22.20 4.11
CA TYR F 2 -20.38 -23.12 3.82
C TYR F 2 -19.85 -23.06 2.40
N GLY F 3 -18.58 -23.32 2.22
CA GLY F 3 -17.99 -23.41 0.89
C GLY F 3 -17.80 -24.86 0.47
N PHE F 4 -16.67 -25.16 -0.16
CA PHE F 4 -16.41 -26.45 -0.75
C PHE F 4 -14.91 -26.63 -0.91
N VAL F 5 -14.47 -27.87 -1.08
CA VAL F 5 -13.07 -28.16 -1.30
C VAL F 5 -12.88 -29.04 -2.54
N ALA F 6 -11.64 -29.13 -2.99
CA ALA F 6 -11.29 -29.97 -4.15
C ALA F 6 -10.42 -31.15 -3.73
N ASN F 7 -10.26 -32.13 -4.61
CA ASN F 7 -9.39 -33.28 -4.34
C ASN F 7 -7.90 -32.92 -4.41
N PHE F 8 -7.11 -33.49 -3.51
CA PHE F 8 -5.66 -33.34 -3.58
C PHE F 8 -5.10 -33.93 -4.87
#